data_3GVN
# 
_entry.id   3GVN 
# 
_audit_conform.dict_name       mmcif_pdbx.dic 
_audit_conform.dict_version    5.380 
_audit_conform.dict_location   http://mmcif.pdb.org/dictionaries/ascii/mmcif_pdbx.dic 
# 
loop_
_database_2.database_id 
_database_2.database_code 
_database_2.pdbx_database_accession 
_database_2.pdbx_DOI 
PDB   3GVN         pdb_00003gvn 10.2210/pdb3gvn/pdb 
NDB   AR0105       ?            ?                   
RCSB  RCSB052363   ?            ?                   
WWPDB D_1000052363 ?            ?                   
# 
loop_
_pdbx_database_related.db_name 
_pdbx_database_related.db_id 
_pdbx_database_related.details 
_pdbx_database_related.content_type 
PDB 2V6W 'tRNASer isoacceptor'                                                        unspecified 
PDB 1SER 'tRNASer isoacceptor complexed with corresponding Aminoacyl-tRNA-Synthetase' unspecified 
# 
_pdbx_database_status.status_code                     REL 
_pdbx_database_status.entry_id                        3GVN 
_pdbx_database_status.recvd_initial_deposition_date   2009-03-31 
_pdbx_database_status.deposit_site                    RCSB 
_pdbx_database_status.process_site                    PDBJ 
_pdbx_database_status.status_code_sf                  REL 
_pdbx_database_status.status_code_mr                  ? 
_pdbx_database_status.SG_entry                        ? 
_pdbx_database_status.pdb_format_compatible           Y 
_pdbx_database_status.status_code_cs                  ? 
_pdbx_database_status.status_code_nmr_data            ? 
_pdbx_database_status.methods_development_category    ? 
# 
loop_
_audit_author.name 
_audit_author.pdbx_ordinal 
'Eichert, A.'   1 
'Furste, J.P.'  2 
'Schreiber, A.' 3 
'Perbandt, M.'  4 
'Betzel, C.'    5 
'Erdmann, V.A.' 6 
'Forster, C.'   7 
# 
_citation.id                        primary 
_citation.title                     
'The 1.2A crystal structure of an E. coli tRNASer)acceptor stem microhelix reveals two magnesium binding sites.' 
_citation.journal_abbrev            Biochem.Biophys.Res.Commun. 
_citation.journal_volume            386 
_citation.page_first                368 
_citation.page_last                 373 
_citation.year                      2009 
_citation.journal_id_ASTM           BBRCA9 
_citation.country                   US 
_citation.journal_id_ISSN           0006-291X 
_citation.journal_id_CSD            0146 
_citation.book_publisher            ? 
_citation.pdbx_database_id_PubMed   19527687 
_citation.pdbx_database_id_DOI      10.1016/j.bbrc.2009.06.048 
# 
loop_
_citation_author.citation_id 
_citation_author.name 
_citation_author.ordinal 
_citation_author.identifier_ORCID 
primary 'Eichert, A.'   1 ? 
primary 'Furste, J.P.'  2 ? 
primary 'Schreiber, A.' 3 ? 
primary 'Perbandt, M.'  4 ? 
primary 'Betzel, C.'    5 ? 
primary 'Erdmann, V.A.' 6 ? 
primary 'Forster, C.'   7 ? 
# 
_cell.entry_id           3GVN 
_cell.length_a           35.793 
_cell.length_b           39.126 
_cell.length_c           31.367 
_cell.angle_alpha        90.00 
_cell.angle_beta         111.08 
_cell.angle_gamma        90.00 
_cell.Z_PDB              4 
_cell.pdbx_unique_axis   ? 
_cell.length_a_esd       ? 
_cell.length_b_esd       ? 
_cell.length_c_esd       ? 
_cell.angle_alpha_esd    ? 
_cell.angle_beta_esd     ? 
_cell.angle_gamma_esd    ? 
# 
_symmetry.entry_id                         3GVN 
_symmetry.space_group_name_H-M             'C 1 2 1' 
_symmetry.pdbx_full_space_group_name_H-M   ? 
_symmetry.cell_setting                     ? 
_symmetry.Int_Tables_number                5 
_symmetry.space_group_name_Hall            ? 
# 
loop_
_entity.id 
_entity.type 
_entity.src_method 
_entity.pdbx_description 
_entity.formula_weight 
_entity.pdbx_number_of_molecules 
_entity.pdbx_ec 
_entity.pdbx_mutation 
_entity.pdbx_fragment 
_entity.details 
1 polymer     syn "5'-R(*GP*GP*UP*GP*AP*GP*G)-3'" 2316.443 1  ? ? ? ? 
2 polymer     syn "5'-R(*CP*CP*UP*CP*AP*CP*C)-3'" 2116.323 1  ? ? ? ? 
3 non-polymer syn 'MAGNESIUM ION'                 24.305   2  ? ? ? ? 
4 water       nat water                           18.015   97 ? ? ? ? 
# 
loop_
_entity_name_com.entity_id 
_entity_name_com.name 
1 'tRNASer acceptor stem microhelix (RS-1661)' 
2 'tRNASer acceptor stem microhelix (RS-1661)' 
# 
loop_
_entity_poly.entity_id 
_entity_poly.type 
_entity_poly.nstd_linkage 
_entity_poly.nstd_monomer 
_entity_poly.pdbx_seq_one_letter_code 
_entity_poly.pdbx_seq_one_letter_code_can 
_entity_poly.pdbx_strand_id 
_entity_poly.pdbx_target_identifier 
1 polyribonucleotide no no GGUGAGG GGUGAGG A ? 
2 polyribonucleotide no no CCUCACC CCUCACC B ? 
# 
loop_
_entity_poly_seq.entity_id 
_entity_poly_seq.num 
_entity_poly_seq.mon_id 
_entity_poly_seq.hetero 
1 1 G n 
1 2 G n 
1 3 U n 
1 4 G n 
1 5 A n 
1 6 G n 
1 7 G n 
2 1 C n 
2 2 C n 
2 3 U n 
2 4 C n 
2 5 A n 
2 6 C n 
2 7 C n 
# 
loop_
_pdbx_entity_src_syn.entity_id 
_pdbx_entity_src_syn.pdbx_src_id 
_pdbx_entity_src_syn.pdbx_alt_source_flag 
_pdbx_entity_src_syn.pdbx_beg_seq_num 
_pdbx_entity_src_syn.pdbx_end_seq_num 
_pdbx_entity_src_syn.organism_scientific 
_pdbx_entity_src_syn.organism_common_name 
_pdbx_entity_src_syn.ncbi_taxonomy_id 
_pdbx_entity_src_syn.details 
1 1 sample ? ? ? ? ? 'This sequence occurs naturally in E.coli.' 
2 1 sample ? ? ? ? ? 'This sequence occurs naturally in E.coli.' 
# 
loop_
_struct_ref.id 
_struct_ref.db_name 
_struct_ref.db_code 
_struct_ref.pdbx_db_accession 
_struct_ref.entity_id 
_struct_ref.pdbx_align_begin 
_struct_ref.pdbx_seq_one_letter_code 
_struct_ref.pdbx_db_isoform 
1 PDB 3GVN 3GVN 1 ? ? ? 
2 PDB 3GVN 3GVN 2 ? ? ? 
# 
loop_
_struct_ref_seq.align_id 
_struct_ref_seq.ref_id 
_struct_ref_seq.pdbx_PDB_id_code 
_struct_ref_seq.pdbx_strand_id 
_struct_ref_seq.seq_align_beg 
_struct_ref_seq.pdbx_seq_align_beg_ins_code 
_struct_ref_seq.seq_align_end 
_struct_ref_seq.pdbx_seq_align_end_ins_code 
_struct_ref_seq.pdbx_db_accession 
_struct_ref_seq.db_align_beg 
_struct_ref_seq.pdbx_db_align_beg_ins_code 
_struct_ref_seq.db_align_end 
_struct_ref_seq.pdbx_db_align_end_ins_code 
_struct_ref_seq.pdbx_auth_seq_align_beg 
_struct_ref_seq.pdbx_auth_seq_align_end 
1 1 3GVN A 1 ? 7 ? 3GVN 1  ? 7  ? 1  7  
2 2 3GVN B 1 ? 7 ? 3GVN 66 ? 72 ? 66 72 
# 
loop_
_chem_comp.id 
_chem_comp.type 
_chem_comp.mon_nstd_flag 
_chem_comp.name 
_chem_comp.pdbx_synonyms 
_chem_comp.formula 
_chem_comp.formula_weight 
A   'RNA linking' y "ADENOSINE-5'-MONOPHOSPHATE" ? 'C10 H14 N5 O7 P' 347.221 
C   'RNA linking' y "CYTIDINE-5'-MONOPHOSPHATE"  ? 'C9 H14 N3 O8 P'  323.197 
G   'RNA linking' y "GUANOSINE-5'-MONOPHOSPHATE" ? 'C10 H14 N5 O8 P' 363.221 
HOH non-polymer   . WATER                        ? 'H2 O'            18.015  
MG  non-polymer   . 'MAGNESIUM ION'              ? 'Mg 2'            24.305  
U   'RNA linking' y "URIDINE-5'-MONOPHOSPHATE"   ? 'C9 H13 N2 O9 P'  324.181 
# 
_exptl.entry_id          3GVN 
_exptl.method            'X-RAY DIFFRACTION' 
_exptl.crystals_number   1 
# 
_exptl_crystal.id                    1 
_exptl_crystal.density_meas          ? 
_exptl_crystal.density_Matthews      2.31 
_exptl_crystal.density_percent_sol   46.79 
_exptl_crystal.description           ? 
_exptl_crystal.F_000                 ? 
_exptl_crystal.preparation           ? 
# 
_exptl_crystal_grow.crystal_id      1 
_exptl_crystal_grow.method          'VAPOR DIFFUSION, HANGING DROP' 
_exptl_crystal_grow.temp            294 
_exptl_crystal_grow.temp_details    ? 
_exptl_crystal_grow.pH              5.5 
_exptl_crystal_grow.pdbx_details    
;10% (v/v) MPD, 40mM sodium cacodylate, 20mM cobalt hexamine, 80mM sodium chloride, 20mM magnesium chloride, pH 5.5, VAPOR DIFFUSION, HANGING DROP, temperature 294K
;
_exptl_crystal_grow.pdbx_pH_range   . 
# 
_diffrn.id                     1 
_diffrn.ambient_temp           100 
_diffrn.ambient_temp_details   ? 
_diffrn.crystal_id             1 
# 
_diffrn_detector.diffrn_id              1 
_diffrn_detector.detector               CCD 
_diffrn_detector.type                   MARRESEARCH 
_diffrn_detector.pdbx_collection_date   2008-11-11 
_diffrn_detector.details                ? 
# 
_diffrn_radiation.diffrn_id                        1 
_diffrn_radiation.wavelength_id                    1 
_diffrn_radiation.pdbx_monochromatic_or_laue_m_l   M 
_diffrn_radiation.monochromator                    ? 
_diffrn_radiation.pdbx_diffrn_protocol             'SINGLE WAVELENGTH' 
_diffrn_radiation.pdbx_scattering_type             x-ray 
# 
_diffrn_radiation_wavelength.id           1 
_diffrn_radiation_wavelength.wavelength   1.000 
_diffrn_radiation_wavelength.wt           1.0 
# 
_diffrn_source.diffrn_id                   1 
_diffrn_source.source                      SYNCHROTRON 
_diffrn_source.type                        'ELETTRA BEAMLINE 5.2R' 
_diffrn_source.pdbx_synchrotron_site       ELETTRA 
_diffrn_source.pdbx_synchrotron_beamline   5.2R 
_diffrn_source.pdbx_wavelength             ? 
_diffrn_source.pdbx_wavelength_list        1.000 
# 
_reflns.entry_id                     3GVN 
_reflns.observed_criterion_sigma_I   0 
_reflns.observed_criterion_sigma_F   0 
_reflns.d_resolution_low             120 
_reflns.d_resolution_high            1.2 
_reflns.number_obs                   12806 
_reflns.number_all                   ? 
_reflns.percent_possible_obs         99.2 
_reflns.pdbx_Rmerge_I_obs            0.074 
_reflns.pdbx_Rsym_value              ? 
_reflns.pdbx_netI_over_sigmaI        18.7 
_reflns.B_iso_Wilson_estimate        ? 
_reflns.pdbx_redundancy              7.1 
_reflns.R_free_details               ? 
_reflns.limit_h_max                  ? 
_reflns.limit_h_min                  ? 
_reflns.limit_k_max                  ? 
_reflns.limit_k_min                  ? 
_reflns.limit_l_max                  ? 
_reflns.limit_l_min                  ? 
_reflns.observed_criterion_F_max     ? 
_reflns.observed_criterion_F_min     ? 
_reflns.pdbx_chi_squared             ? 
_reflns.pdbx_scaling_rejects         ? 
_reflns.pdbx_diffrn_id               1 
_reflns.pdbx_ordinal                 1 
# 
_reflns_shell.d_res_high             1.20 
_reflns_shell.d_res_low              1.22 
_reflns_shell.percent_possible_all   99.1 
_reflns_shell.Rmerge_I_obs           0.154 
_reflns_shell.pdbx_Rsym_value        ? 
_reflns_shell.meanI_over_sigI_obs    1.8 
_reflns_shell.pdbx_redundancy        8.6 
_reflns_shell.percent_possible_obs   ? 
_reflns_shell.number_unique_all      8814 
_reflns_shell.number_measured_all    ? 
_reflns_shell.number_measured_obs    ? 
_reflns_shell.number_unique_obs      ? 
_reflns_shell.pdbx_chi_squared       ? 
_reflns_shell.pdbx_diffrn_id         ? 
_reflns_shell.pdbx_ordinal           1 
# 
_refine.entry_id                                 3GVN 
_refine.ls_number_reflns_obs                     12806 
_refine.ls_number_reflns_all                     ? 
_refine.pdbx_ls_sigma_I                          0 
_refine.pdbx_ls_sigma_F                          0 
_refine.pdbx_data_cutoff_high_absF               ? 
_refine.pdbx_data_cutoff_low_absF                ? 
_refine.pdbx_data_cutoff_high_rms_absF           ? 
_refine.ls_d_res_low                             120 
_refine.ls_d_res_high                            1.2 
_refine.ls_percent_reflns_obs                    99.2 
_refine.ls_R_factor_obs                          ? 
_refine.ls_R_factor_all                          ? 
_refine.ls_R_factor_R_work                       0.190 
_refine.ls_R_factor_R_free                       0.201 
_refine.ls_R_factor_R_free_error                 ? 
_refine.ls_R_factor_R_free_error_details         ? 
_refine.ls_percent_reflns_R_free                 ? 
_refine.ls_number_reflns_R_free                  4550 
_refine.ls_number_parameters                     ? 
_refine.ls_number_restraints                     ? 
_refine.occupancy_min                            ? 
_refine.occupancy_max                            ? 
_refine.correlation_coeff_Fo_to_Fc               ? 
_refine.correlation_coeff_Fo_to_Fc_free          ? 
_refine.B_iso_mean                               ? 
_refine.aniso_B[1][1]                            ? 
_refine.aniso_B[2][2]                            ? 
_refine.aniso_B[3][3]                            ? 
_refine.aniso_B[1][2]                            ? 
_refine.aniso_B[1][3]                            ? 
_refine.aniso_B[2][3]                            ? 
_refine.solvent_model_details                    ? 
_refine.solvent_model_param_ksol                 ? 
_refine.solvent_model_param_bsol                 ? 
_refine.pdbx_solvent_vdw_probe_radii             ? 
_refine.pdbx_solvent_ion_probe_radii             ? 
_refine.pdbx_solvent_shrinkage_radii             ? 
_refine.pdbx_ls_cross_valid_method               THROUGHOUT 
_refine.details                                  ? 
_refine.pdbx_starting_model                      2v6w 
_refine.pdbx_method_to_determine_struct          'MOLECULAR REPLACEMENT' 
_refine.pdbx_isotropic_thermal_model             ? 
_refine.pdbx_stereochemistry_target_values       ? 
_refine.pdbx_stereochem_target_val_spec_case     ? 
_refine.pdbx_R_Free_selection_details            Random 
_refine.pdbx_overall_ESU_R                       ? 
_refine.pdbx_overall_ESU_R_Free                  ? 
_refine.overall_SU_ML                            ? 
_refine.overall_SU_B                             ? 
_refine.ls_redundancy_reflns_obs                 ? 
_refine.B_iso_min                                ? 
_refine.B_iso_max                                ? 
_refine.overall_SU_R_Cruickshank_DPI             ? 
_refine.overall_SU_R_free                        ? 
_refine.ls_wR_factor_R_free                      ? 
_refine.ls_wR_factor_R_work                      ? 
_refine.overall_FOM_free_R_set                   ? 
_refine.overall_FOM_work_R_set                   ? 
_refine.pdbx_refine_id                           'X-RAY DIFFRACTION' 
_refine.pdbx_overall_phase_error                 ? 
_refine.pdbx_diffrn_id                           1 
_refine.pdbx_TLS_residual_ADP_flag               ? 
_refine.pdbx_overall_SU_R_free_Cruickshank_DPI   ? 
_refine.pdbx_overall_SU_R_Blow_DPI               ? 
_refine.pdbx_overall_SU_R_free_Blow_DPI          ? 
# 
_refine_hist.pdbx_refine_id                   'X-RAY DIFFRACTION' 
_refine_hist.cycle_id                         LAST 
_refine_hist.pdbx_number_atoms_protein        0 
_refine_hist.pdbx_number_atoms_nucleic_acid   293 
_refine_hist.pdbx_number_atoms_ligand         2 
_refine_hist.number_atoms_solvent             97 
_refine_hist.number_atoms_total               392 
_refine_hist.d_res_high                       1.2 
_refine_hist.d_res_low                        120 
# 
_struct.entry_id                  3GVN 
_struct.title                     
'The 1.2 Angstroem crystal structure of an E.coli tRNASer acceptor stem microhelix reveals two magnesium binding sites' 
_struct.pdbx_model_details        ? 
_struct.pdbx_CASP_flag            ? 
_struct.pdbx_model_type_details   ? 
# 
_struct_keywords.entry_id        3GVN 
_struct_keywords.pdbx_keywords   RNA 
_struct_keywords.text            
'tRNASer/Seryl-tRNA-synthetase, tRNA acceptor stem microhelix, identity elements, RNA hydration, magnesium binding sites, RNA' 
# 
loop_
_struct_asym.id 
_struct_asym.pdbx_blank_PDB_chainid_flag 
_struct_asym.pdbx_modified 
_struct_asym.entity_id 
_struct_asym.details 
A N N 1 ? 
B N N 2 ? 
C N N 3 ? 
D N N 3 ? 
E N N 4 ? 
F N N 4 ? 
# 
_struct_biol.id        1 
_struct_biol.details   ? 
# 
loop_
_struct_conn.id 
_struct_conn.conn_type_id 
_struct_conn.pdbx_leaving_atom_flag 
_struct_conn.pdbx_PDB_id 
_struct_conn.ptnr1_label_asym_id 
_struct_conn.ptnr1_label_comp_id 
_struct_conn.ptnr1_label_seq_id 
_struct_conn.ptnr1_label_atom_id 
_struct_conn.pdbx_ptnr1_label_alt_id 
_struct_conn.pdbx_ptnr1_PDB_ins_code 
_struct_conn.pdbx_ptnr1_standard_comp_id 
_struct_conn.ptnr1_symmetry 
_struct_conn.ptnr2_label_asym_id 
_struct_conn.ptnr2_label_comp_id 
_struct_conn.ptnr2_label_seq_id 
_struct_conn.ptnr2_label_atom_id 
_struct_conn.pdbx_ptnr2_label_alt_id 
_struct_conn.pdbx_ptnr2_PDB_ins_code 
_struct_conn.ptnr1_auth_asym_id 
_struct_conn.ptnr1_auth_comp_id 
_struct_conn.ptnr1_auth_seq_id 
_struct_conn.ptnr2_auth_asym_id 
_struct_conn.ptnr2_auth_comp_id 
_struct_conn.ptnr2_auth_seq_id 
_struct_conn.ptnr2_symmetry 
_struct_conn.pdbx_ptnr3_label_atom_id 
_struct_conn.pdbx_ptnr3_label_seq_id 
_struct_conn.pdbx_ptnr3_label_comp_id 
_struct_conn.pdbx_ptnr3_label_asym_id 
_struct_conn.pdbx_ptnr3_label_alt_id 
_struct_conn.pdbx_ptnr3_PDB_ins_code 
_struct_conn.details 
_struct_conn.pdbx_dist_value 
_struct_conn.pdbx_value_order 
_struct_conn.pdbx_role 
metalc1  metalc ? ? C MG . MG ? ? ? 1_555 E HOH . O  ? ? A MG 8 A HOH 12 1_555 ? ? ? ? ? ? ?            2.035 ? ? 
metalc2  metalc ? ? C MG . MG ? ? ? 1_555 E HOH . O  ? ? A MG 8 A HOH 14 1_555 ? ? ? ? ? ? ?            2.050 ? ? 
metalc3  metalc ? ? C MG . MG ? ? ? 1_555 E HOH . O  ? ? A MG 8 A HOH 77 1_555 ? ? ? ? ? ? ?            2.105 ? ? 
metalc4  metalc ? ? C MG . MG ? ? ? 1_555 E HOH . O  ? ? A MG 8 A HOH 94 1_555 ? ? ? ? ? ? ?            2.181 ? ? 
metalc5  metalc ? ? C MG . MG ? ? ? 1_555 E HOH . O  ? ? A MG 8 A HOH 96 1_555 ? ? ? ? ? ? ?            2.103 ? ? 
metalc6  metalc ? ? D MG . MG ? ? ? 1_555 E HOH . O  ? ? A MG 9 A HOH 15 1_555 ? ? ? ? ? ? ?            2.139 ? ? 
metalc7  metalc ? ? D MG . MG ? ? ? 1_555 E HOH . O  ? ? A MG 9 A HOH 16 1_555 ? ? ? ? ? ? ?            2.079 ? ? 
metalc8  metalc ? ? D MG . MG ? ? ? 1_555 E HOH . O  ? ? A MG 9 A HOH 21 1_555 ? ? ? ? ? ? ?            2.101 ? ? 
hydrog1  hydrog ? ? A G  1 N1 ? ? ? 1_555 B C   7 N3 ? ? A G  1 B C   72 1_555 ? ? ? ? ? ? WATSON-CRICK ?     ? ? 
hydrog2  hydrog ? ? A G  1 N2 ? ? ? 1_555 B C   7 O2 ? ? A G  1 B C   72 1_555 ? ? ? ? ? ? WATSON-CRICK ?     ? ? 
hydrog3  hydrog ? ? A G  1 O6 ? ? ? 1_555 B C   7 N4 ? ? A G  1 B C   72 1_555 ? ? ? ? ? ? WATSON-CRICK ?     ? ? 
hydrog4  hydrog ? ? A G  2 N1 ? ? ? 1_555 B C   6 N3 ? ? A G  2 B C   71 1_555 ? ? ? ? ? ? WATSON-CRICK ?     ? ? 
hydrog5  hydrog ? ? A G  2 N2 ? ? ? 1_555 B C   6 O2 ? ? A G  2 B C   71 1_555 ? ? ? ? ? ? WATSON-CRICK ?     ? ? 
hydrog6  hydrog ? ? A G  2 O6 ? ? ? 1_555 B C   6 N4 ? ? A G  2 B C   71 1_555 ? ? ? ? ? ? WATSON-CRICK ?     ? ? 
hydrog7  hydrog ? ? A U  3 N3 ? ? ? 1_555 B A   5 N1 ? ? A U  3 B A   70 1_555 ? ? ? ? ? ? WATSON-CRICK ?     ? ? 
hydrog8  hydrog ? ? A U  3 O4 ? ? ? 1_555 B A   5 N6 ? ? A U  3 B A   70 1_555 ? ? ? ? ? ? WATSON-CRICK ?     ? ? 
hydrog9  hydrog ? ? A G  4 N1 ? ? ? 1_555 B C   4 N3 ? ? A G  4 B C   69 1_555 ? ? ? ? ? ? WATSON-CRICK ?     ? ? 
hydrog10 hydrog ? ? A G  4 N2 ? ? ? 1_555 B C   4 O2 ? ? A G  4 B C   69 1_555 ? ? ? ? ? ? WATSON-CRICK ?     ? ? 
hydrog11 hydrog ? ? A G  4 O6 ? ? ? 1_555 B C   4 N4 ? ? A G  4 B C   69 1_555 ? ? ? ? ? ? WATSON-CRICK ?     ? ? 
hydrog12 hydrog ? ? A A  5 N1 ? ? ? 1_555 B U   3 N3 ? ? A A  5 B U   68 1_555 ? ? ? ? ? ? WATSON-CRICK ?     ? ? 
hydrog13 hydrog ? ? A A  5 N6 ? ? ? 1_555 B U   3 O4 ? ? A A  5 B U   68 1_555 ? ? ? ? ? ? WATSON-CRICK ?     ? ? 
hydrog14 hydrog ? ? A G  6 N1 ? ? ? 1_555 B C   2 N3 ? ? A G  6 B C   67 1_555 ? ? ? ? ? ? WATSON-CRICK ?     ? ? 
hydrog15 hydrog ? ? A G  6 N2 ? ? ? 1_555 B C   2 O2 ? ? A G  6 B C   67 1_555 ? ? ? ? ? ? WATSON-CRICK ?     ? ? 
hydrog16 hydrog ? ? A G  6 O6 ? ? ? 1_555 B C   2 N4 ? ? A G  6 B C   67 1_555 ? ? ? ? ? ? WATSON-CRICK ?     ? ? 
hydrog17 hydrog ? ? A G  7 N1 ? ? ? 1_555 B C   1 N3 ? ? A G  7 B C   66 1_555 ? ? ? ? ? ? WATSON-CRICK ?     ? ? 
hydrog18 hydrog ? ? A G  7 N2 ? ? ? 1_555 B C   1 O2 ? ? A G  7 B C   66 1_555 ? ? ? ? ? ? WATSON-CRICK ?     ? ? 
hydrog19 hydrog ? ? A G  7 O6 ? ? ? 1_555 B C   1 N4 ? ? A G  7 B C   66 1_555 ? ? ? ? ? ? WATSON-CRICK ?     ? ? 
# 
loop_
_struct_conn_type.id 
_struct_conn_type.criteria 
_struct_conn_type.reference 
metalc ? ? 
hydrog ? ? 
# 
loop_
_struct_site.id 
_struct_site.pdbx_evidence_code 
_struct_site.pdbx_auth_asym_id 
_struct_site.pdbx_auth_comp_id 
_struct_site.pdbx_auth_seq_id 
_struct_site.pdbx_auth_ins_code 
_struct_site.pdbx_num_residues 
_struct_site.details 
AC1 Software A MG 8 ? 5 'BINDING SITE FOR RESIDUE MG A 8' 
AC2 Software A MG 9 ? 7 'BINDING SITE FOR RESIDUE MG A 9' 
# 
loop_
_struct_site_gen.id 
_struct_site_gen.site_id 
_struct_site_gen.pdbx_num_res 
_struct_site_gen.label_comp_id 
_struct_site_gen.label_asym_id 
_struct_site_gen.label_seq_id 
_struct_site_gen.pdbx_auth_ins_code 
_struct_site_gen.auth_comp_id 
_struct_site_gen.auth_asym_id 
_struct_site_gen.auth_seq_id 
_struct_site_gen.label_atom_id 
_struct_site_gen.label_alt_id 
_struct_site_gen.symmetry 
_struct_site_gen.details 
1  AC1 5 HOH E . ? HOH A 12 . ? 1_555 ? 
2  AC1 5 HOH E . ? HOH A 14 . ? 1_555 ? 
3  AC1 5 HOH E . ? HOH A 77 . ? 1_555 ? 
4  AC1 5 HOH E . ? HOH A 94 . ? 1_555 ? 
5  AC1 5 HOH E . ? HOH A 96 . ? 1_555 ? 
6  AC2 7 HOH E . ? HOH A 15 . ? 1_555 ? 
7  AC2 7 HOH E . ? HOH A 16 . ? 1_555 ? 
8  AC2 7 HOH E . ? HOH A 21 . ? 1_555 ? 
9  AC2 7 HOH E . ? HOH A 40 . ? 4_545 ? 
10 AC2 7 HOH F . ? HOH B 2  . ? 2_655 ? 
11 AC2 7 HOH F . ? HOH B 46 . ? 2_655 ? 
12 AC2 7 A   B 5 ? A   B 70 . ? 2_655 ? 
# 
_atom_sites.entry_id                    3GVN 
_atom_sites.fract_transf_matrix[1][1]   0.00371549 
_atom_sites.fract_transf_matrix[1][2]   0.00494365 
_atom_sites.fract_transf_matrix[1][3]   0.02929605 
_atom_sites.fract_transf_matrix[2][1]   -0.00398263 
_atom_sites.fract_transf_matrix[2][2]   0.02497187 
_atom_sites.fract_transf_matrix[2][3]   -0.00370886 
_atom_sites.fract_transf_matrix[3][1]   -0.02971674 
_atom_sites.fract_transf_matrix[3][2]   -0.00225767 
_atom_sites.fract_transf_matrix[3][3]   0.01670934 
_atom_sites.fract_transf_vector[1]      0.321345 
_atom_sites.fract_transf_vector[2]      0.002609 
_atom_sites.fract_transf_vector[3]      0.117510 
# 
loop_
_atom_type.symbol 
C  
MG 
N  
O  
P  
# 
loop_
_atom_site.group_PDB 
_atom_site.id 
_atom_site.type_symbol 
_atom_site.label_atom_id 
_atom_site.label_alt_id 
_atom_site.label_comp_id 
_atom_site.label_asym_id 
_atom_site.label_entity_id 
_atom_site.label_seq_id 
_atom_site.pdbx_PDB_ins_code 
_atom_site.Cartn_x 
_atom_site.Cartn_y 
_atom_site.Cartn_z 
_atom_site.occupancy 
_atom_site.B_iso_or_equiv 
_atom_site.pdbx_formal_charge 
_atom_site.auth_seq_id 
_atom_site.auth_comp_id 
_atom_site.auth_asym_id 
_atom_site.auth_atom_id 
_atom_site.pdbx_PDB_model_num 
ATOM   1   O  "O5'" . G   A 1 1 ? -12.646 0.688   1.406   1.00 20.05 ? 1  G   A "O5'" 1 
ATOM   2   C  "C5'" . G   A 1 1 ? -13.535 1.705   0.971   1.00 17.11 ? 1  G   A "C5'" 1 
ATOM   3   C  "C4'" . G   A 1 1 ? -13.136 3.028   1.586   1.00 11.68 ? 1  G   A "C4'" 1 
ATOM   4   O  "O4'" . G   A 1 1 ? -13.070 2.950   3.027   1.00 11.43 ? 1  G   A "O4'" 1 
ATOM   5   C  "C3'" . G   A 1 1 ? -11.759 3.542   1.153   1.00 10.92 ? 1  G   A "C3'" 1 
ATOM   6   O  "O3'" . G   A 1 1 ? -11.921 4.091   -0.161  1.00 10.87 ? 1  G   A "O3'" 1 
ATOM   7   C  "C2'" . G   A 1 1 ? -11.527 4.568   2.247   1.00 9.02  ? 1  G   A "C2'" 1 
ATOM   8   O  "O2'" . G   A 1 1 ? -12.393 5.647   2.068   1.00 10.11 ? 1  G   A "O2'" 1 
ATOM   9   C  "C1'" . G   A 1 1 ? -11.967 3.729   3.459   1.00 10.17 ? 1  G   A "C1'" 1 
ATOM   10  N  N9    . G   A 1 1 ? -10.928 2.895   4.001   1.00 9.15  ? 1  G   A N9    1 
ATOM   11  C  C8    . G   A 1 1 ? -10.818 1.573   4.084   1.00 11.78 ? 1  G   A C8    1 
ATOM   12  N  N7    . G   A 1 1 ? -9.687  1.158   4.661   1.00 13.85 ? 1  G   A N7    1 
ATOM   13  C  C5    . G   A 1 1 ? -9.016  2.403   5.062   1.00 10.90 ? 1  G   A C5    1 
ATOM   14  C  C6    . G   A 1 1 ? -7.743  2.611   5.619   1.00 11.57 ? 1  G   A C6    1 
ATOM   15  O  O6    . G   A 1 1 ? -7.015  1.706   6.084   1.00 14.43 ? 1  G   A O6    1 
ATOM   16  N  N1    . G   A 1 1 ? -7.396  3.964   5.789   1.00 11.77 ? 1  G   A N1    1 
ATOM   17  C  C2    . G   A 1 1 ? -8.290  4.937   5.294   1.00 11.12 ? 1  G   A C2    1 
ATOM   18  N  N2    . G   A 1 1 ? -7.776  6.175   5.500   1.00 8.33  ? 1  G   A N2    1 
ATOM   19  N  N3    . G   A 1 1 ? -9.586  4.742   4.717   1.00 9.12  ? 1  G   A N3    1 
ATOM   20  C  C4    . G   A 1 1 ? -9.798  3.446   4.608   1.00 8.95  ? 1  G   A C4    1 
ATOM   21  P  P     . G   A 1 2 ? -10.637 4.290   -1.121  1.00 10.87 ? 2  G   A P     1 
ATOM   22  O  OP1   . G   A 1 2 ? -11.145 4.748   -2.396  1.00 12.48 ? 2  G   A OP1   1 
ATOM   23  O  OP2   . G   A 1 2 ? -9.842  3.077   -1.072  1.00 11.76 ? 2  G   A OP2   1 
ATOM   24  O  "O5'" . G   A 1 2 ? -9.777  5.435   -0.413  1.00 9.03  ? 2  G   A "O5'" 1 
ATOM   25  C  "C5'" . G   A 1 2 ? -10.301 6.758   -0.292  1.00 9.97  ? 2  G   A "C5'" 1 
ATOM   26  C  "C4'" . G   A 1 2 ? -9.302  7.533   0.549   1.00 8.88  ? 2  G   A "C4'" 1 
ATOM   27  O  "O4'" . G   A 1 2 ? -9.036  6.956   1.809   1.00 8.36  ? 2  G   A "O4'" 1 
ATOM   28  C  "C3'" . G   A 1 2 ? -7.926  7.706   -0.149  1.00 8.39  ? 2  G   A "C3'" 1 
ATOM   29  O  "O3'" . G   A 1 2 ? -7.989  8.755   -1.059  1.00 9.26  ? 2  G   A "O3'" 1 
ATOM   30  C  "C2'" . G   A 1 2 ? -7.051  8.040   1.070   1.00 8.35  ? 2  G   A "C2'" 1 
ATOM   31  O  "O2'" . G   A 1 2 ? -7.148  9.377   1.409   1.00 10.64 ? 2  G   A "O2'" 1 
ATOM   32  C  "C1'" . G   A 1 2 ? -7.657  7.118   2.100   1.00 8.27  ? 2  G   A "C1'" 1 
ATOM   33  N  N9    . G   A 1 2 ? -7.033  5.817   2.256   1.00 6.68  ? 2  G   A N9    1 
ATOM   34  C  C8    . G   A 1 2 ? -7.580  4.599   1.952   1.00 7.68  ? 2  G   A C8    1 
ATOM   35  N  N7    . G   A 1 2 ? -6.856  3.535   2.349   1.00 10.48 ? 2  G   A N7    1 
ATOM   36  C  C5    . G   A 1 2 ? -5.641  4.194   2.983   1.00 9.68  ? 2  G   A C5    1 
ATOM   37  C  C6    . G   A 1 2 ? -4.472  3.613   3.592   1.00 10.76 ? 2  G   A C6    1 
ATOM   38  O  O6    . G   A 1 2 ? -4.230  2.383   3.742   1.00 12.55 ? 2  G   A O6    1 
ATOM   39  N  N1    . G   A 1 2 ? -3.546  4.608   4.044   1.00 12.43 ? 2  G   A N1    1 
ATOM   40  C  C2    . G   A 1 2 ? -3.848  5.970   3.883   1.00 10.57 ? 2  G   A C2    1 
ATOM   41  N  N2    . G   A 1 2 ? -2.798  6.706   4.307   1.00 8.10  ? 2  G   A N2    1 
ATOM   42  N  N3    . G   A 1 2 ? -5.050  6.581   3.329   1.00 7.98  ? 2  G   A N3    1 
ATOM   43  C  C4    . G   A 1 2 ? -5.865  5.626   2.911   1.00 7.75  ? 2  G   A C4    1 
ATOM   44  P  P     . U   A 1 3 ? -7.188  8.761   -2.342  1.00 9.63  ? 3  U   A P     1 
ATOM   45  O  OP1   . U   A 1 3 ? -7.530  10.044  -2.981  1.00 11.20 ? 3  U   A OP1   1 
ATOM   46  O  OP2   . U   A 1 3 ? -7.295  7.520   -2.986  1.00 8.47  ? 3  U   A OP2   1 
ATOM   47  O  "O5'" . U   A 1 3 ? -5.616  8.708   -1.926  1.00 7.83  ? 3  U   A "O5'" 1 
ATOM   48  C  "C5'" . U   A 1 3 ? -5.090  9.971   -1.499  1.00 7.80  ? 3  U   A "C5'" 1 
ATOM   49  C  "C4'" . U   A 1 3 ? -3.683  9.726   -1.148  1.00 6.99  ? 3  U   A "C4'" 1 
ATOM   50  O  "O4'" . U   A 1 3 ? -3.562  8.968   0.055   1.00 6.45  ? 3  U   A "O4'" 1 
ATOM   51  C  "C3'" . U   A 1 3 ? -2.777  8.943   -2.108  1.00 5.53  ? 3  U   A "C3'" 1 
ATOM   52  O  "O3'" . U   A 1 3 ? -2.496  9.662   -3.262  1.00 6.12  ? 3  U   A "O3'" 1 
ATOM   53  C  "C2'" . U   A 1 3 ? -1.602  8.582   -1.187  1.00 6.28  ? 3  U   A "C2'" 1 
ATOM   54  O  "O2'" . U   A 1 3 ? -0.774  9.706   -1.045  1.00 7.48  ? 3  U   A "O2'" 1 
ATOM   55  C  "C1'" . U   A 1 3 ? -2.354  8.284   0.106   1.00 5.88  ? 3  U   A "C1'" 1 
ATOM   56  N  N1    . U   A 1 3 ? -2.629  6.856   0.305   1.00 5.93  ? 3  U   A N1    1 
ATOM   57  C  C2    . U   A 1 3 ? -1.612  6.079   0.896   1.00 5.82  ? 3  U   A C2    1 
ATOM   58  O  O2    . U   A 1 3 ? -0.552  6.581   1.213   1.00 6.49  ? 3  U   A O2    1 
ATOM   59  N  N3    . U   A 1 3 ? -1.899  4.759   1.118   1.00 6.37  ? 3  U   A N3    1 
ATOM   60  C  C4    . U   A 1 3 ? -3.069  4.148   0.748   1.00 6.32  ? 3  U   A C4    1 
ATOM   61  O  O4    . U   A 1 3 ? -3.207  2.959   0.982   1.00 6.70  ? 3  U   A O4    1 
ATOM   62  C  C5    . U   A 1 3 ? -4.036  4.977   0.082   1.00 6.65  ? 3  U   A C5    1 
ATOM   63  C  C6    . U   A 1 3 ? -3.795  6.266   -0.126  1.00 6.58  ? 3  U   A C6    1 
ATOM   64  P  P     . G   A 1 4 ? -2.062  8.890   -4.565  1.00 6.63  ? 4  G   A P     1 
ATOM   65  O  OP1   . G   A 1 4 ? -1.854  9.923   -5.626  1.00 6.82  ? 4  G   A OP1   1 
ATOM   66  O  OP2   . G   A 1 4 ? -3.002  7.789   -4.830  1.00 7.60  ? 4  G   A OP2   1 
ATOM   67  O  "O5'" . G   A 1 4 ? -0.667  8.297   -4.111  1.00 6.32  ? 4  G   A "O5'" 1 
ATOM   68  C  "C5'" . G   A 1 4 ? -0.140  7.061   -4.543  1.00 6.20  ? 4  G   A "C5'" 1 
ATOM   69  C  "C4'" . G   A 1 4 ? 1.016   6.713   -3.666  1.00 6.63  ? 4  G   A "C4'" 1 
ATOM   70  O  "O4'" . G   A 1 4 ? 0.528   6.395   -2.326  1.00 6.93  ? 4  G   A "O4'" 1 
ATOM   71  C  "C3'" . G   A 1 4 ? 1.795   5.471   -4.034  1.00 6.92  ? 4  G   A "C3'" 1 
ATOM   72  O  "O3'" . G   A 1 4 ? 2.733   5.800   -5.085  1.00 6.27  ? 4  G   A "O3'" 1 
ATOM   73  C  "C2'" . G   A 1 4 ? 2.427   5.065   -2.687  1.00 7.37  ? 4  G   A "C2'" 1 
ATOM   74  O  "O2'" . G   A 1 4 ? 3.462   5.973   -2.443  1.00 7.64  ? 4  G   A "O2'" 1 
ATOM   75  C  "C1'" . G   A 1 4 ? 1.265   5.334   -1.725  1.00 6.51  ? 4  G   A "C1'" 1 
ATOM   76  N  N9    . G   A 1 4 ? 0.393   4.171   -1.640  1.00 6.88  ? 4  G   A N9    1 
ATOM   77  C  C8    . G   A 1 4 ? -0.906  4.105   -2.150  1.00 7.69  ? 4  G   A C8    1 
ATOM   78  N  N7    . G   A 1 4 ? -1.463  2.904   -1.887  1.00 9.43  ? 4  G   A N7    1 
ATOM   79  C  C5    . G   A 1 4 ? -0.369  2.146   -1.165  1.00 9.39  ? 4  G   A C5    1 
ATOM   80  C  C6    . G   A 1 4 ? -0.268  0.857   -0.742  1.00 9.50  ? 4  G   A C6    1 
ATOM   81  O  O6    . G   A 1 4 ? -1.182  0.047   -0.840  1.00 11.56 ? 4  G   A O6    1 
ATOM   82  N  N1    . G   A 1 4 ? 0.948   0.616   -0.165  1.00 9.13  ? 4  G   A N1    1 
ATOM   83  C  C2    . G   A 1 4 ? 2.034   1.488   -0.067  1.00 8.00  ? 4  G   A C2    1 
ATOM   84  N  N2    . G   A 1 4 ? 3.135   0.908   0.563   1.00 5.88  ? 4  G   A N2    1 
ATOM   85  N  N3    . G   A 1 4 ? 1.972   2.870   -0.460  1.00 5.64  ? 4  G   A N3    1 
ATOM   86  C  C4    . G   A 1 4 ? 0.787   3.029   -1.051  1.00 6.63  ? 4  G   A C4    1 
ATOM   87  P  P     . A   A 1 5 ? 3.272   4.640   -6.057  1.00 6.93  ? 5  A   A P     1 
ATOM   88  O  OP1   . A   A 1 5 ? 3.980   5.375   -7.143  1.00 8.57  ? 5  A   A OP1   1 
ATOM   89  O  OP2   . A   A 1 5 ? 2.222   3.683   -6.403  1.00 7.61  ? 5  A   A OP2   1 
ATOM   90  O  "O5'" . A   A 1 5 ? 4.332   3.815   -5.155  1.00 6.47  ? 5  A   A "O5'" 1 
ATOM   91  C  "C5'" . A   A 1 5 ? 5.508   4.399   -4.721  1.00 5.90  ? 5  A   A "C5'" 1 
ATOM   92  C  "C4'" . A   A 1 5 ? 6.333   3.391   -3.951  1.00 5.67  ? 5  A   A "C4'" 1 
ATOM   93  O  "O4'" . A   A 1 5 ? 5.641   2.973   -2.746  1.00 6.22  ? 5  A   A "O4'" 1 
ATOM   94  C  "C3'" . A   A 1 5 ? 6.664   2.081   -4.641  1.00 5.58  ? 5  A   A "C3'" 1 
ATOM   95  O  "O3'" . A   A 1 5 ? 7.741   2.255   -5.510  1.00 5.32  ? 5  A   A "O3'" 1 
ATOM   96  C  "C2'" . A   A 1 5 ? 6.925   1.173   -3.464  1.00 5.75  ? 5  A   A "C2'" 1 
ATOM   97  O  "O2'" . A   A 1 5 ? 8.207   1.523   -2.945  1.00 6.88  ? 5  A   A "O2'" 1 
ATOM   98  C  "C1'" . A   A 1 5 ? 5.831   1.579   -2.497  1.00 5.63  ? 5  A   A "C1'" 1 
ATOM   99  N  N9    . A   A 1 5 ? 4.569   0.929   -2.787  1.00 5.09  ? 5  A   A N9    1 
ATOM   100 C  C8    . A   A 1 5 ? 3.473   1.509   -3.352  1.00 6.40  ? 5  A   A C8    1 
ATOM   101 N  N7    . A   A 1 5 ? 2.409   0.760   -3.396  1.00 5.57  ? 5  A   A N7    1 
ATOM   102 C  C5    . A   A 1 5 ? 2.852   -0.443  -2.847  1.00 4.57  ? 5  A   A C5    1 
ATOM   103 C  C6    . A   A 1 5 ? 2.145   -1.607  -2.560  1.00 4.91  ? 5  A   A C6    1 
ATOM   104 N  N6    . A   A 1 5 ? 0.865   -1.785  -2.816  1.00 5.81  ? 5  A   A N6    1 
ATOM   105 N  N1    . A   A 1 5 ? 2.858   -2.616  -2.016  1.00 4.68  ? 5  A   A N1    1 
ATOM   106 C  C2    . A   A 1 5 ? 4.167   -2.440  -1.735  1.00 4.80  ? 5  A   A C2    1 
ATOM   107 N  N3    . A   A 1 5 ? 4.874   -1.326  -1.892  1.00 4.80  ? 5  A   A N3    1 
ATOM   108 C  C4    . A   A 1 5 ? 4.132   -0.338  -2.449  1.00 4.23  ? 5  A   A C4    1 
ATOM   109 P  P     . G   A 1 6 ? 7.800   1.416   -6.881  1.00 7.12  ? 6  G   A P     1 
ATOM   110 O  OP1   . G   A 1 6 ? 8.974   1.916   -7.656  1.00 9.24  ? 6  G   A OP1   1 
ATOM   111 O  OP2   . G   A 1 6 ? 6.464   1.378   -7.515  1.00 8.20  ? 6  G   A OP2   1 
ATOM   112 O  "O5'" . G   A 1 6 ? 8.061   -0.081  -6.434  1.00 6.89  ? 6  G   A "O5'" 1 
ATOM   113 C  "C5'" . G   A 1 6 ? 9.321   -0.453  -5.779  1.00 7.47  ? 6  G   A "C5'" 1 
ATOM   114 C  "C4'" . G   A 1 6 ? 9.181   -1.836  -5.249  1.00 6.37  ? 6  G   A "C4'" 1 
ATOM   115 O  "O4'" . G   A 1 6 ? 8.139   -1.882  -4.222  1.00 6.18  ? 6  G   A "O4'" 1 
ATOM   116 C  "C3'" . G   A 1 6 ? 8.786   -2.926  -6.218  1.00 6.65  ? 6  G   A "C3'" 1 
ATOM   117 O  "O3'" . G   A 1 6 ? 9.929   -3.356  -6.980  1.00 7.69  ? 6  G   A "O3'" 1 
ATOM   118 C  "C2'" . G   A 1 6 ? 8.278   -4.003  -5.278  1.00 6.56  ? 6  G   A "C2'" 1 
ATOM   119 O  "O2'" . G   A 1 6 ? 9.339   -4.616  -4.514  1.00 8.25  ? 6  G   A "O2'" 1 
ATOM   120 C  "C1'" . G   A 1 6 ? 7.470   -3.125  -4.319  1.00 6.13  ? 6  G   A "C1'" 1 
ATOM   121 N  N9    . G   A 1 6 ? 6.122   -2.924  -4.782  1.00 5.69  ? 6  G   A N9    1 
ATOM   122 C  C8    . G   A 1 6 ? 5.610   -1.800  -5.334  1.00 6.69  ? 6  G   A C8    1 
ATOM   123 N  N7    . G   A 1 6 ? 4.310   -1.840  -5.699  1.00 7.96  ? 6  G   A N7    1 
ATOM   124 C  C5    . G   A 1 6 ? 3.920   -3.262  -5.217  1.00 7.91  ? 6  G   A C5    1 
ATOM   125 C  C6    . G   A 1 6 ? 2.790   -3.992  -5.367  1.00 9.61  ? 6  G   A C6    1 
ATOM   126 O  O6    . G   A 1 6 ? 1.721   -3.483  -5.794  1.00 10.86 ? 6  G   A O6    1 
ATOM   127 N  N1    . G   A 1 6 ? 2.897   -5.304  -4.839  1.00 10.87 ? 6  G   A N1    1 
ATOM   128 C  C2    . G   A 1 6 ? 4.102   -5.814  -4.402  1.00 8.39  ? 6  G   A C2    1 
ATOM   129 N  N2    . G   A 1 6 ? 4.067   -7.171  -4.044  1.00 6.98  ? 6  G   A N2    1 
ATOM   130 N  N3    . G   A 1 6 ? 5.319   -5.060  -4.206  1.00 6.23  ? 6  G   A N3    1 
ATOM   131 C  C4    . G   A 1 6 ? 5.133   -3.855  -4.701  1.00 6.15  ? 6  G   A C4    1 
ATOM   132 P  P     . G   A 1 7 ? 9.703   -3.773  -8.501  1.00 8.97  ? 7  G   A P     1 
ATOM   133 O  OP1   . G   A 1 7 ? 11.027  -4.076  -9.013  1.00 12.17 ? 7  G   A OP1   1 
ATOM   134 O  OP2   . G   A 1 7 ? 8.884   -2.739  -9.137  1.00 11.27 ? 7  G   A OP2   1 
ATOM   135 O  "O5'" . G   A 1 7 ? 8.812   -5.096  -8.454  1.00 7.95  ? 7  G   A "O5'" 1 
ATOM   136 C  "C5'" . G   A 1 7 ? 9.386   -6.312  -7.865  1.00 8.33  ? 7  G   A "C5'" 1 
ATOM   137 C  "C4'" . G   A 1 7 ? 8.325   -7.389  -7.811  1.00 7.61  ? 7  G   A "C4'" 1 
ATOM   138 O  "O4'" . G   A 1 7 ? 7.265   -6.981  -6.931  1.00 7.93  ? 7  G   A "O4'" 1 
ATOM   139 C  "C3'" . G   A 1 7 ? 7.609   -7.690  -9.125  1.00 7.31  ? 7  G   A "C3'" 1 
ATOM   140 O  "O3'" . G   A 1 7 ? 8.333   -8.558  -9.965  1.00 8.41  ? 7  G   A "O3'" 1 
ATOM   141 C  "C2'" . G   A 1 7 ? 6.316   -8.383  -8.599  1.00 7.73  ? 7  G   A "C2'" 1 
ATOM   142 O  "O2'" . G   A 1 7 ? 6.588   -9.699  -8.194  1.00 8.72  ? 7  G   A "O2'" 1 
ATOM   143 C  "C1'" . G   A 1 7 ? 6.017   -7.523  -7.348  1.00 7.64  ? 7  G   A "C1'" 1 
ATOM   144 N  N9    . G   A 1 7 ? 5.112   -6.456  -7.721  1.00 6.88  ? 7  G   A N9    1 
ATOM   145 C  C8    . G   A 1 7 ? 5.433   -5.165  -8.106  1.00 7.01  ? 7  G   A C8    1 
ATOM   146 N  N7    . G   A 1 7 ? 4.291   -4.428  -8.474  1.00 9.52  ? 7  G   A N7    1 
ATOM   147 C  C5    . G   A 1 7 ? 3.159   -5.421  -8.222  1.00 7.77  ? 7  G   A C5    1 
ATOM   148 C  C6    . G   A 1 7 ? 1.748   -5.237  -8.453  1.00 10.38 ? 7  G   A C6    1 
ATOM   149 O  O6    . G   A 1 7 ? 1.202   -4.185  -8.836  1.00 10.77 ? 7  G   A O6    1 
ATOM   150 N  N1    . G   A 1 7 ? 0.964   -6.395  -8.157  1.00 10.62 ? 7  G   A N1    1 
ATOM   151 C  C2    . G   A 1 7 ? 1.637   -7.563  -7.750  1.00 10.27 ? 7  G   A C2    1 
ATOM   152 N  N2    . G   A 1 7 ? 0.767   -8.625  -7.566  1.00 8.85  ? 7  G   A N2    1 
ATOM   153 N  N3    . G   A 1 7 ? 3.091   -7.744  -7.533  1.00 8.44  ? 7  G   A N3    1 
ATOM   154 C  C4    . G   A 1 7 ? 3.715   -6.623  -7.783  1.00 7.73  ? 7  G   A C4    1 
ATOM   155 O  "O5'" . C   B 2 1 ? -7.375  -6.418  -6.479  1.00 17.23 ? 66 C   B "O5'" 1 
ATOM   156 C  "C5'" . C   B 2 1 ? -7.805  -7.741  -6.693  1.00 13.07 ? 66 C   B "C5'" 1 
ATOM   157 C  "C4'" . C   B 2 1 ? -6.713  -8.744  -6.931  1.00 11.36 ? 66 C   B "C4'" 1 
ATOM   158 O  "O4'" . C   B 2 1 ? -5.977  -8.306  -8.131  1.00 10.49 ? 66 C   B "O4'" 1 
ATOM   159 C  "C3'" . C   B 2 1 ? -5.666  -8.783  -5.852  1.00 11.07 ? 66 C   B "C3'" 1 
ATOM   160 O  "O3'" . C   B 2 1 ? -6.122  -9.687  -4.821  1.00 10.49 ? 66 C   B "O3'" 1 
ATOM   161 C  "C2'" . C   B 2 1 ? -4.496  -9.358  -6.608  1.00 10.84 ? 66 C   B "C2'" 1 
ATOM   162 O  "O2'" . C   B 2 1 ? -4.732  -10.737 -6.896  1.00 12.17 ? 66 C   B "O2'" 1 
ATOM   163 C  "C1'" . C   B 2 1 ? -4.619  -8.579  -7.902  1.00 10.64 ? 66 C   B "C1'" 1 
ATOM   164 N  N1    . C   B 2 1 ? -3.852  -7.298  -7.959  1.00 8.59  ? 66 C   B N1    1 
ATOM   165 C  C2    . C   B 2 1 ? -2.461  -7.392  -8.048  1.00 8.33  ? 66 C   B C2    1 
ATOM   166 O  O2    . C   B 2 1 ? -1.897  -8.447  -8.030  1.00 11.06 ? 66 C   B O2    1 
ATOM   167 N  N3    . C   B 2 1 ? -1.858  -6.201  -8.182  1.00 8.43  ? 66 C   B N3    1 
ATOM   168 C  C4    . C   B 2 1 ? -2.462  -5.072  -8.228  1.00 11.57 ? 66 C   B C4    1 
ATOM   169 N  N4    . C   B 2 1 ? -1.713  -3.939  -8.379  1.00 11.46 ? 66 C   B N4    1 
ATOM   170 C  C5    . C   B 2 1 ? -3.812  -4.954  -8.064  1.00 12.44 ? 66 C   B C5    1 
ATOM   171 C  C6    . C   B 2 1 ? -4.484  -6.103  -7.966  1.00 10.88 ? 66 C   B C6    1 
ATOM   172 P  P     . C   B 2 2 ? -5.568  -9.595  -3.321  1.00 9.86  ? 67 C   B P     1 
ATOM   173 O  OP1   . C   B 2 2 ? -6.357  -10.554 -2.525  1.00 11.28 ? 67 C   B OP1   1 
ATOM   174 O  OP2   . C   B 2 2 ? -5.614  -8.212  -2.982  1.00 11.23 ? 67 C   B OP2   1 
ATOM   175 O  "O5'" . C   B 2 2 ? -4.040  -10.078 -3.348  1.00 9.12  ? 67 C   B "O5'" 1 
ATOM   176 C  "C5'" . C   B 2 2 ? -3.661  -11.479 -3.401  1.00 10.33 ? 67 C   B "C5'" 1 
ATOM   177 C  "C4'" . C   B 2 2 ? -2.181  -11.541 -3.363  1.00 8.48  ? 67 C   B "C4'" 1 
ATOM   178 O  "O4'" . C   B 2 2 ? -1.611  -10.926 -4.549  1.00 9.39  ? 67 C   B "O4'" 1 
ATOM   179 C  "C3'" . C   B 2 2 ? -1.544  -10.789 -2.237  1.00 7.89  ? 67 C   B "C3'" 1 
ATOM   180 O  "O3'" . C   B 2 2 ? -1.690  -11.568 -1.054  1.00 8.71  ? 67 C   B "O3'" 1 
ATOM   181 C  "C2'" . C   B 2 2 ? -0.104  -10.704 -2.738  1.00 8.77  ? 67 C   B "C2'" 1 
ATOM   182 O  "O2'" . C   B 2 2 ? 0.593   -11.967 -2.660  1.00 9.43  ? 67 C   B "O2'" 1 
ATOM   183 C  "C1'" . C   B 2 2 ? -0.391  -10.290 -4.171  1.00 8.57  ? 67 C   B "C1'" 1 
ATOM   184 N  N1    . C   B 2 2 ? -0.524  -8.850  -4.353  1.00 8.23  ? 67 C   B N1    1 
ATOM   185 C  C2    . C   B 2 2 ? 0.592   -8.021  -4.471  1.00 7.58  ? 67 C   B C2    1 
ATOM   186 O  O2    . C   B 2 2 ? 1.725   -8.559  -4.353  1.00 8.03  ? 67 C   B O2    1 
ATOM   187 N  N3    . C   B 2 2 ? 0.394   -6.638  -4.771  1.00 8.45  ? 67 C   B N3    1 
ATOM   188 C  C4    . C   B 2 2 ? -0.694  -6.003  -4.947  1.00 9.31  ? 67 C   B C4    1 
ATOM   189 N  N4    . C   B 2 2 ? -0.750  -4.697  -5.295  1.00 10.90 ? 67 C   B N4    1 
ATOM   190 C  C5    . C   B 2 2 ? -1.792  -6.850  -4.688  1.00 8.81  ? 67 C   B C5    1 
ATOM   191 C  C6    . C   B 2 2 ? -1.694  -8.177  -4.460  1.00 8.07  ? 67 C   B C6    1 
ATOM   192 P  P     . U   B 2 3 ? -1.774  -10.920 0.387   1.00 8.09  ? 68 U   B P     1 
ATOM   193 O  OP1   . U   B 2 3 ? -1.957  -12.024 1.319   1.00 10.54 ? 68 U   B OP1   1 
ATOM   194 O  OP2   . U   B 2 3 ? -2.699  -9.899  0.362   1.00 7.23  ? 68 U   B OP2   1 
ATOM   195 O  "O5'" . U   B 2 3 ? -0.343  -10.241 0.627   1.00 6.45  ? 68 U   B "O5'" 1 
ATOM   196 C  "C5'" . U   B 2 3 ? 0.776   -11.096 0.891   1.00 7.81  ? 68 U   B "C5'" 1 
ATOM   197 C  "C4'" . U   B 2 3 ? 2.006   -10.195 0.860   1.00 6.32  ? 68 U   B "C4'" 1 
ATOM   198 O  "O4'" . U   B 2 3 ? 2.207   -9.644  -0.467  1.00 6.26  ? 68 U   B "O4'" 1 
ATOM   199 C  "C3'" . U   B 2 3 ? 2.021   -8.951  1.719   1.00 6.03  ? 68 U   B "C3'" 1 
ATOM   200 O  "O3'" . U   B 2 3 ? 2.200   -9.299  3.093   1.00 6.74  ? 68 U   B "O3'" 1 
ATOM   201 C  "C2'" . U   B 2 3 ? 3.121   -8.164  1.123   1.00 5.27  ? 68 U   B "C2'" 1 
ATOM   202 O  "O2'" . U   B 2 3 ? 4.366   -8.741  1.473   1.00 6.03  ? 68 U   B "O2'" 1 
ATOM   203 C  "C1'" . U   B 2 3 ? 2.840   -8.396  -0.376  1.00 5.02  ? 68 U   B "C1'" 1 
ATOM   204 N  N1    . U   B 2 3 ? 1.925   -7.324  -0.881  1.00 4.79  ? 68 U   B N1    1 
ATOM   205 C  C2    . U   B 2 3 ? 2.504   -6.080  -1.117  1.00 4.67  ? 68 U   B C2    1 
ATOM   206 O  O2    . U   B 2 3 ? 3.674   -5.907  -0.973  1.00 5.34  ? 68 U   B O2    1 
ATOM   207 N  N3    . U   B 2 3 ? 1.659   -5.104  -1.574  1.00 4.56  ? 68 U   B N3    1 
ATOM   208 C  C4    . U   B 2 3 ? 0.290   -5.238  -1.685  1.00 5.17  ? 68 U   B C4    1 
ATOM   209 O  O4    . U   B 2 3 ? -0.346  -4.252  -2.035  1.00 7.13  ? 68 U   B O4    1 
ATOM   210 C  C5    . U   B 2 3 ? -0.258  -6.534  -1.315  1.00 5.84  ? 68 U   B C5    1 
ATOM   211 C  C6    . U   B 2 3 ? 0.552   -7.489  -0.917  1.00 5.36  ? 68 U   B C6    1 
ATOM   212 P  P     . C   B 2 4 ? 1.628   -8.353  4.251   1.00 7.31  ? 69 C   B P     1 
ATOM   213 O  OP1   . C   B 2 4 ? 1.901   -9.067  5.506   1.00 9.81  ? 69 C   B OP1   1 
ATOM   214 O  OP2   . C   B 2 4 ? 0.256   -7.957  3.950   1.00 9.29  ? 69 C   B OP2   1 
ATOM   215 O  "O5'" . C   B 2 4 ? 2.451   -6.983  4.166   1.00 6.26  ? 69 C   B "O5'" 1 
ATOM   216 C  "C5'" . C   B 2 4 ? 3.875   -7.003  4.407   1.00 5.91  ? 69 C   B "C5'" 1 
ATOM   217 C  "C4'" . C   B 2 4 ? 4.447   -5.696  3.999   1.00 5.35  ? 69 C   B "C4'" 1 
ATOM   218 O  "O4'" . C   B 2 4 ? 4.210   -5.476  2.590   1.00 5.48  ? 69 C   B "O4'" 1 
ATOM   219 C  "C3'" . C   B 2 4 ? 3.941   -4.455  4.653   1.00 4.93  ? 69 C   B "C3'" 1 
ATOM   220 O  "O3'" . C   B 2 4 ? 4.486   -4.352  5.945   1.00 5.59  ? 69 C   B "O3'" 1 
ATOM   221 C  "C2'" . C   B 2 4 ? 4.401   -3.368  3.671   1.00 5.33  ? 69 C   B "C2'" 1 
ATOM   222 O  "O2'" . C   B 2 4 ? 5.808   -3.189  3.812   1.00 6.13  ? 69 C   B "O2'" 1 
ATOM   223 C  "C1'" . C   B 2 4 ? 4.082   -4.072  2.334   1.00 5.13  ? 69 C   B "C1'" 1 
ATOM   224 N  N1    . C   B 2 4 ? 2.708   -3.787  1.903   1.00 5.02  ? 69 C   B N1    1 
ATOM   225 C  C2    . C   B 2 4 ? 2.452   -2.513  1.351   1.00 5.66  ? 69 C   B C2    1 
ATOM   226 O  O2    . C   B 2 4 ? 3.335   -1.660  1.269   1.00 5.88  ? 69 C   B O2    1 
ATOM   227 N  N3    . C   B 2 4 ? 1.161   -2.185  0.884   1.00 8.56  ? 69 C   B N3    1 
ATOM   228 C  C4    . C   B 2 4 ? 0.202   -2.975  0.938   1.00 8.93  ? 69 C   B C4    1 
ATOM   229 N  N4    . C   B 2 4 ? -1.016  -2.474  0.471   1.00 13.90 ? 69 C   B N4    1 
ATOM   230 C  C5    . C   B 2 4 ? 0.505   -4.150  1.530   1.00 4.97  ? 69 C   B C5    1 
ATOM   231 C  C6    . C   B 2 4 ? 1.674   -4.606  1.971   1.00 5.39  ? 69 C   B C6    1 
ATOM   232 P  P     . A   B 2 5 ? 3.808   -3.388  7.042   1.00 6.09  ? 70 A   B P     1 
ATOM   233 O  OP1   . A   B 2 5 ? 4.484   -3.646  8.289   1.00 7.68  ? 70 A   B OP1   1 
ATOM   234 O  OP2   . A   B 2 5 ? 2.316   -3.507  6.933   1.00 7.21  ? 70 A   B OP2   1 
ATOM   235 O  "O5'" . A   B 2 5 ? 4.116   -1.901  6.546   1.00 5.61  ? 70 A   B "O5'" 1 
ATOM   236 C  "C5'" . A   B 2 5 ? 5.426   -1.342  6.712   1.00 5.51  ? 70 A   B "C5'" 1 
ATOM   237 C  "C4'" . A   B 2 5 ? 5.408   0.107   6.338   1.00 5.66  ? 70 A   B "C4'" 1 
ATOM   238 O  "O4'" . A   B 2 5 ? 5.039   0.247   4.945   1.00 5.53  ? 70 A   B "O4'" 1 
ATOM   239 C  "C3'" . A   B 2 5 ? 4.327   0.945   7.059   1.00 5.12  ? 70 A   B "C3'" 1 
ATOM   240 O  "O3'" . A   B 2 5 ? 4.754   1.207   8.368   1.00 5.78  ? 70 A   B "O3'" 1 
ATOM   241 C  "C2'" . A   B 2 5 ? 4.272   2.150   6.105   1.00 5.05  ? 70 A   B "C2'" 1 
ATOM   242 O  "O2'" . A   B 2 5 ? 5.423   2.943   6.334   1.00 6.60  ? 70 A   B "O2'" 1 
ATOM   243 C  "C1'" . A   B 2 5 ? 4.314   1.468   4.762   1.00 5.74  ? 70 A   B "C1'" 1 
ATOM   244 N  N9    . A   B 2 5 ? 2.949   1.123   4.293   1.00 5.00  ? 70 A   B N9    1 
ATOM   245 C  C8    . A   B 2 5 ? 2.340   -0.101  4.406   1.00 5.62  ? 70 A   B C8    1 
ATOM   246 N  N7    . A   B 2 5 ? 1.122   -0.060  3.854   1.00 5.40  ? 70 A   B N7    1 
ATOM   247 C  C5    . A   B 2 5 ? 0.947   1.221   3.359   1.00 5.18  ? 70 A   B C5    1 
ATOM   248 C  C6    . A   B 2 5 ? -0.102  1.877   2.710   1.00 5.93  ? 70 A   B C6    1 
ATOM   249 N  N6    . A   B 2 5 ? -1.273  1.274   2.371   1.00 6.58  ? 70 A   B N6    1 
ATOM   250 N  N1    . A   B 2 5 ? 0.092   3.165   2.387   1.00 5.74  ? 70 A   B N1    1 
ATOM   251 C  C2    . A   B 2 5 ? 1.229   3.734   2.700   1.00 6.07  ? 70 A   B C2    1 
ATOM   252 N  N3    . A   B 2 5 ? 2.278   3.244   3.342   1.00 5.53  ? 70 A   B N3    1 
ATOM   253 C  C4    . A   B 2 5 ? 2.068   1.958   3.627   1.00 5.06  ? 70 A   B C4    1 
ATOM   254 P  P     . C   B 2 6 ? 3.703   1.389   9.564   1.00 5.90  ? 71 C   B P     1 
ATOM   255 O  OP1   . C   B 2 6 ? 4.516   1.421   10.832  1.00 6.76  ? 71 C   B OP1   1 
ATOM   256 O  OP2   . C   B 2 6 ? 2.628   0.401   9.432   1.00 7.50  ? 71 C   B OP2   1 
ATOM   257 O  "O5'" . C   B 2 6 ? 3.022   2.784   9.318   1.00 5.88  ? 71 C   B "O5'" 1 
ATOM   258 C  "C5'" . C   B 2 6 ? 3.818   3.993   9.383   1.00 6.35  ? 71 C   B "C5'" 1 
ATOM   259 C  "C4'" . C   B 2 6 ? 3.116   5.109   8.666   1.00 5.85  ? 71 C   B "C4'" 1 
ATOM   260 O  "O4'" . C   B 2 6 ? 2.836   4.733   7.276   1.00 6.81  ? 71 C   B "O4'" 1 
ATOM   261 C  "C3'" . C   B 2 6 ? 1.704   5.481   9.162   1.00 5.59  ? 71 C   B "C3'" 1 
ATOM   262 O  "O3'" . C   B 2 6 ? 1.818   6.244   10.339  1.00 6.38  ? 71 C   B "O3'" 1 
ATOM   263 C  "C2'" . C   B 2 6 ? 1.133   6.209   7.960   1.00 6.20  ? 71 C   B "C2'" 1 
ATOM   264 O  "O2'" . C   B 2 6 ? 1.666   7.509   7.916   1.00 7.06  ? 71 C   B "O2'" 1 
ATOM   265 C  "C1'" . C   B 2 6 ? 1.655   5.339   6.837   1.00 6.48  ? 71 C   B "C1'" 1 
ATOM   266 N  N1    . C   B 2 6 ? 0.676   4.243   6.537   1.00 6.41  ? 71 C   B N1    1 
ATOM   267 C  C2    . C   B 2 6 ? -0.426  4.550   5.717   1.00 7.52  ? 71 C   B C2    1 
ATOM   268 O  O2    . C   B 2 6 ? -0.597  5.700   5.287   1.00 8.88  ? 71 C   B O2    1 
ATOM   269 N  N3    . C   B 2 6 ? -1.300  3.559   5.456   1.00 9.22  ? 71 C   B N3    1 
ATOM   270 C  C4    . C   B 2 6 ? -1.179  2.360   5.876   1.00 9.06  ? 71 C   B C4    1 
ATOM   271 N  N4    . C   B 2 6 ? -2.061  1.419   5.545   1.00 9.56  ? 71 C   B N4    1 
ATOM   272 C  C5    . C   B 2 6 ? -0.193  2.081   6.690   1.00 7.75  ? 71 C   B C5    1 
ATOM   273 C  C6    . C   B 2 6 ? 0.721   2.990   6.992   1.00 6.27  ? 71 C   B C6    1 
ATOM   274 P  P     . C   B 2 7 ? 0.663   6.231   11.450  1.00 6.87  ? 72 C   B P     1 
ATOM   275 O  OP1   . C   B 2 7 ? 1.115   7.105   12.504  1.00 8.71  ? 72 C   B OP1   1 
ATOM   276 O  OP2   . C   B 2 7 ? 0.317   4.846   11.756  1.00 7.61  ? 72 C   B OP2   1 
ATOM   277 O  "O5'" . C   B 2 7 ? -0.610  6.837   10.718  1.00 6.14  ? 72 C   B "O5'" 1 
ATOM   278 C  "C5'" . C   B 2 7 ? -0.540  8.225   10.325  1.00 7.50  ? 72 C   B "C5'" 1 
ATOM   279 C  "C4'" . C   B 2 7 ? -1.795  8.572   9.533   1.00 8.21  ? 72 C   B "C4'" 1 
ATOM   280 O  "O4'" . C   B 2 7 ? -1.885  7.770   8.351   1.00 7.09  ? 72 C   B "O4'" 1 
ATOM   281 C  "C3'" . C   B 2 7 ? -3.130  8.271   10.256  1.00 8.65  ? 72 C   B "C3'" 1 
ATOM   282 O  "O3'" . C   B 2 7 ? -3.467  9.242   11.221  1.00 9.77  ? 72 C   B "O3'" 1 
ATOM   283 C  "C2'" . C   B 2 7 ? -4.093  8.257   9.068   1.00 7.89  ? 72 C   B "C2'" 1 
ATOM   284 O  "O2'" . C   B 2 7 ? -4.455  9.546   8.690   1.00 10.07 ? 72 C   B "O2'" 1 
ATOM   285 C  "C1'" . C   B 2 7 ? -3.251  7.582   8.017   1.00 7.68  ? 72 C   B "C1'" 1 
ATOM   286 N  N1    . C   B 2 7 ? -3.496  6.156   7.940   1.00 6.03  ? 72 C   B N1    1 
ATOM   287 C  C2    . C   B 2 7 ? -4.631  5.764   7.245   1.00 7.25  ? 72 C   B C2    1 
ATOM   288 O  O2    . C   B 2 7 ? -5.395  6.576   6.720   1.00 9.82  ? 72 C   B O2    1 
ATOM   289 N  N3    . C   B 2 7 ? -4.929  4.476   7.154   1.00 9.38  ? 72 C   B N3    1 
ATOM   290 C  C4    . C   B 2 7 ? -4.212  3.577   7.692   1.00 9.37  ? 72 C   B C4    1 
ATOM   291 N  N4    . C   B 2 7 ? -4.631  2.279   7.589   1.00 11.50 ? 72 C   B N4    1 
ATOM   292 C  C5    . C   B 2 7 ? -3.139  3.941   8.455   1.00 7.74  ? 72 C   B C5    1 
ATOM   293 C  C6    . C   B 2 7 ? -2.770  5.194   8.579   1.00 6.86  ? 72 C   B C6    1 
HETATM 294 MG MG    . MG  C 3 . ? 1.770   -0.012  -8.331  1.00 6.34  ? 8  MG  A MG    1 
HETATM 295 MG MG    . MG  D 3 . ? 10.609  -4.173  -0.355  1.00 3.21  ? 9  MG  A MG    1 
HETATM 296 O  O     . HOH E 4 . ? -1.544  -0.582  -4.041  1.00 17.51 ? 10 HOH A O     1 
HETATM 297 O  O     . HOH E 4 . ? 3.684   10.376  2.058   1.00 20.83 ? 11 HOH A O     1 
HETATM 298 O  O     . HOH E 4 . ? 0.795   -0.835  -6.746  1.00 16.77 ? 12 HOH A O     1 
HETATM 299 O  O     . HOH E 4 . ? -1.747  3.608   -5.417  1.00 18.88 ? 13 HOH A O     1 
HETATM 300 O  O     . HOH E 4 . ? 2.972   -1.658  -8.553  1.00 18.36 ? 14 HOH A O     1 
HETATM 301 O  O     . HOH E 4 . ? 8.864   -3.834  0.834   1.00 14.22 ? 15 HOH A O     1 
HETATM 302 O  O     . HOH E 4 . ? 9.986   -2.880  -1.859  1.00 15.85 ? 16 HOH A O     1 
HETATM 303 O  O     . HOH E 4 . ? 5.785   1.762   1.097   1.00 10.50 ? 17 HOH A O     1 
HETATM 304 O  O     . HOH E 4 . ? -5.793  8.139   -5.450  1.00 13.16 ? 18 HOH A O     1 
HETATM 305 O  O     . HOH E 4 . ? 6.654   -5.352  -1.523  1.00 9.24  ? 19 HOH A O     1 
HETATM 306 O  O     . HOH E 4 . ? -3.410  5.392   -3.594  1.00 10.46 ? 20 HOH A O     1 
HETATM 307 O  O     . HOH E 4 . ? 12.387  -4.585  -1.397  1.00 16.66 ? 21 HOH A O     1 
HETATM 308 O  O     . HOH E 4 . ? -2.033  9.457   5.047   1.00 13.79 ? 22 HOH A O     1 
HETATM 309 O  O     . HOH E 4 . ? -5.633  9.322   3.830   1.00 11.22 ? 23 HOH A O     1 
HETATM 310 O  O     . HOH E 4 . ? -9.390  8.500   4.788   1.00 11.15 ? 24 HOH A O     1 
HETATM 311 O  O     . HOH E 4 . ? 6.409   6.571   -1.960  1.00 13.45 ? 25 HOH A O     1 
HETATM 312 O  O     . HOH E 4 . ? -3.955  10.242  -7.505  1.00 17.56 ? 26 HOH A O     1 
HETATM 313 O  O     . HOH E 4 . ? 2.914   -1.437  -12.181 1.00 20.87 ? 27 HOH A O     1 
HETATM 314 O  O     . HOH E 4 . ? -5.322  -0.090  3.947   1.00 33.52 ? 30 HOH A O     1 
HETATM 315 O  O     . HOH E 4 . ? 7.332   -1.634  -0.568  1.00 8.10  ? 34 HOH A O     1 
HETATM 316 O  O     . HOH E 4 . ? -8.239  10.777  3.936   1.00 32.81 ? 36 HOH A O     1 
HETATM 317 O  O     . HOH E 4 . ? 10.767  2.348   -3.921  1.00 13.31 ? 37 HOH A O     1 
HETATM 318 O  O     . HOH E 4 . ? 2.078   9.182   -1.536  1.00 10.84 ? 38 HOH A O     1 
HETATM 319 O  O     . HOH E 4 . ? -9.598  6.259   -4.085  1.00 27.70 ? 39 HOH A O     1 
HETATM 320 O  O     . HOH E 4 . ? -5.695  11.303  -4.956  1.00 14.72 ? 40 HOH A O     1 
HETATM 321 O  O     . HOH E 4 . ? 0.301   1.783   -4.899  1.00 20.43 ? 41 HOH A O     1 
HETATM 322 O  O     . HOH E 4 . ? -6.027  5.127   -2.773  1.00 17.31 ? 42 HOH A O     1 
HETATM 323 O  O     . HOH E 4 . ? 11.873  -5.137  -5.203  1.00 15.12 ? 45 HOH A O     1 
HETATM 324 O  O     . HOH E 4 . ? 6.505   6.169   -7.839  1.00 19.27 ? 47 HOH A O     1 
HETATM 325 O  O     . HOH E 4 . ? 4.838   -3.476  -11.230 1.00 25.87 ? 50 HOH A O     1 
HETATM 326 O  O     . HOH E 4 . ? -5.302  1.513   -0.152  1.00 15.32 ? 51 HOH A O     1 
HETATM 327 O  O     . HOH E 4 . ? 9.939   -0.077  -9.386  1.00 20.83 ? 57 HOH A O     1 
HETATM 328 O  O     . HOH E 4 . ? -0.249  4.709   -7.181  1.00 20.65 ? 60 HOH A O     1 
HETATM 329 O  O     . HOH E 4 . ? 15.158  1.693   -3.869  1.00 40.62 ? 66 HOH A O     1 
HETATM 330 O  O     . HOH E 4 . ? 5.594   -0.089  -9.695  1.00 20.55 ? 68 HOH A O     1 
HETATM 331 O  O     . HOH E 4 . ? 4.281   4.345   -0.153  1.00 21.97 ? 71 HOH A O     1 
HETATM 332 O  O     . HOH E 4 . ? -6.937  -2.044  5.190   1.00 23.75 ? 73 HOH A O     1 
HETATM 333 O  O     . HOH E 4 . ? 1.262   3.752   -10.261 1.00 26.68 ? 74 HOH A O     1 
HETATM 334 O  O     . HOH E 4 . ? 2.659   0.997   -9.950  1.00 17.00 ? 77 HOH A O     1 
HETATM 335 O  O     . HOH E 4 . ? -10.814 0.700   -0.851  1.00 31.03 ? 81 HOH A O     1 
HETATM 336 O  O     . HOH E 4 . ? 4.921   3.234   -8.877  1.00 22.13 ? 82 HOH A O     1 
HETATM 337 O  O     . HOH E 4 . ? -9.124  11.252  1.100   1.00 19.40 ? 83 HOH A O     1 
HETATM 338 O  O     . HOH E 4 . ? -3.076  6.499   -7.276  1.00 28.18 ? 84 HOH A O     1 
HETATM 339 O  O     . HOH E 4 . ? 2.188   7.840   0.841   1.00 24.10 ? 85 HOH A O     1 
HETATM 340 O  O     . HOH E 4 . ? -7.123  3.096   -1.575  1.00 18.54 ? 87 HOH A O     1 
HETATM 341 O  O     . HOH E 4 . ? 11.763  2.508   -6.506  1.00 30.50 ? 88 HOH A O     1 
HETATM 342 O  O     . HOH E 4 . ? 12.446  0.281   -4.335  1.00 34.88 ? 90 HOH A O     1 
HETATM 343 O  O     . HOH E 4 . ? 12.770  -2.424  -4.031  1.00 30.23 ? 93 HOH A O     1 
HETATM 344 O  O     . HOH E 4 . ? 3.226   0.916   -6.999  1.00 19.24 ? 94 HOH A O     1 
HETATM 345 O  O     . HOH E 4 . ? 0.425   1.570   -7.998  1.00 25.28 ? 96 HOH A O     1 
HETATM 346 O  O     . HOH F 4 . ? 3.095   -2.408  10.557  1.00 13.68 ? 2  HOH B O     1 
HETATM 347 O  O     . HOH F 4 . ? -6.428  9.274   6.617   1.00 14.12 ? 4  HOH B O     1 
HETATM 348 O  O     . HOH F 4 . ? 6.034   -1.290  1.901   1.00 7.25  ? 5  HOH B O     1 
HETATM 349 O  O     . HOH F 4 . ? -2.395  -0.749  -8.017  1.00 16.47 ? 8  HOH B O     1 
HETATM 350 O  O     . HOH F 4 . ? -8.455  8.935   8.414   1.00 18.01 ? 16 HOH B O     1 
HETATM 351 O  O     . HOH F 4 . ? -2.822  -2.646  -5.359  1.00 27.61 ? 20 HOH B O     1 
HETATM 352 O  O     . HOH F 4 . ? -3.522  -7.455  -1.120  1.00 11.50 ? 21 HOH B O     1 
HETATM 353 O  O     . HOH F 4 . ? -3.944  -7.651  3.444   1.00 21.26 ? 22 HOH B O     1 
HETATM 354 O  O     . HOH F 4 . ? -3.901  -1.664  -0.053  1.00 31.68 ? 23 HOH B O     1 
HETATM 355 O  O     . HOH F 4 . ? 4.405   4.862   4.170   1.00 12.04 ? 28 HOH B O     1 
HETATM 356 O  O     . HOH F 4 . ? -2.761  -1.393  3.151   1.00 21.45 ? 29 HOH B O     1 
HETATM 357 O  O     . HOH F 4 . ? 5.255   -10.406 3.541   1.00 10.99 ? 31 HOH B O     1 
HETATM 358 O  O     . HOH F 4 . ? -2.857  -1.126  7.385   1.00 7.35  ? 32 HOH B O     1 
HETATM 359 O  O     . HOH F 4 . ? -2.815  11.100  7.110   1.00 14.95 ? 33 HOH B O     1 
HETATM 360 O  O     . HOH F 4 . ? -1.736  -14.606 -0.123  1.00 11.48 ? 35 HOH B O     1 
HETATM 361 O  O     . HOH F 4 . ? -2.273  -11.268 -8.037  1.00 15.06 ? 43 HOH B O     1 
HETATM 362 O  O     . HOH F 4 . ? 0.596   -2.837  4.692   1.00 15.80 ? 44 HOH B O     1 
HETATM 363 O  O     . HOH F 4 . ? 4.288   -5.229  10.748  1.00 13.61 ? 46 HOH B O     1 
HETATM 364 O  O     . HOH F 4 . ? 0.973   -1.186  7.831   1.00 11.27 ? 48 HOH B O     1 
HETATM 365 O  O     . HOH F 4 . ? 4.440   7.944   7.561   1.00 14.80 ? 49 HOH B O     1 
HETATM 366 O  O     . HOH F 4 . ? -3.738  -4.253  1.872   1.00 20.12 ? 52 HOH B O     1 
HETATM 367 O  O     . HOH F 4 . ? -0.608  -13.069 -6.966  1.00 19.87 ? 53 HOH B O     1 
HETATM 368 O  O     . HOH F 4 . ? 3.168   -11.732 4.870   1.00 15.56 ? 54 HOH B O     1 
HETATM 369 O  O     . HOH F 4 . ? 6.069   5.711   6.886   1.00 18.00 ? 55 HOH B O     1 
HETATM 370 O  O     . HOH F 4 . ? -3.473  1.844   11.360  1.00 27.99 ? 56 HOH B O     1 
HETATM 371 O  O     . HOH F 4 . ? -3.700  11.991  10.428  1.00 17.63 ? 58 HOH B O     1 
HETATM 372 O  O     . HOH F 4 . ? -3.013  -3.771  -2.244  1.00 19.35 ? 59 HOH B O     1 
HETATM 373 O  O     . HOH F 4 . ? -5.300  13.242  8.277   1.00 24.49 ? 61 HOH B O     1 
HETATM 374 O  O     . HOH F 4 . ? 0.143   0.512   10.633  1.00 23.51 ? 62 HOH B O     1 
HETATM 375 O  O     . HOH F 4 . ? 2.493   -7.830  7.838   1.00 21.33 ? 63 HOH B O     1 
HETATM 376 O  O     . HOH F 4 . ? -1.028  2.773   10.751  1.00 22.14 ? 64 HOH B O     1 
HETATM 377 O  O     . HOH F 4 . ? -5.353  -10.543 0.072   1.00 27.64 ? 65 HOH B O     1 
HETATM 378 O  O     . HOH F 4 . ? -1.816  -7.562  2.064   1.00 14.83 ? 73 HOH B O     1 
HETATM 379 O  O     . HOH F 4 . ? -0.913  -5.471  4.747   1.00 19.49 ? 74 HOH B O     1 
HETATM 380 O  O     . HOH F 4 . ? 1.156   -5.489  8.252   1.00 22.91 ? 75 HOH B O     1 
HETATM 381 O  O     . HOH F 4 . ? 5.087   -7.818  8.129   1.00 31.40 ? 76 HOH B O     1 
HETATM 382 O  O     . HOH F 4 . ? -5.251  12.873  5.851   1.00 25.94 ? 77 HOH B O     1 
HETATM 383 O  O     . HOH F 4 . ? -1.086  -5.103  7.618   1.00 39.94 ? 78 HOH B O     1 
HETATM 384 O  O     . HOH F 4 . ? -5.024  -13.256 1.396   1.00 28.71 ? 79 HOH B O     1 
HETATM 385 O  O     . HOH F 4 . ? 0.881   7.553   3.609   1.00 21.81 ? 80 HOH B O     1 
HETATM 386 O  O     . HOH F 4 . ? 6.935   -8.955  5.074   1.00 24.59 ? 81 HOH B O     1 
HETATM 387 O  O     . HOH F 4 . ? -1.578  5.178   13.912  1.00 34.87 ? 86 HOH B O     1 
HETATM 388 O  O     . HOH F 4 . ? -6.111  9.625   12.054  1.00 21.85 ? 89 HOH B O     1 
HETATM 389 O  O     . HOH F 4 . ? -4.130  -14.850 3.761   1.00 8.70  ? 91 HOH B O     1 
HETATM 390 O  O     . HOH F 4 . ? -3.062  7.524   13.677  1.00 25.00 ? 92 HOH B O     1 
HETATM 391 O  O     . HOH F 4 . ? 0.389   8.896   6.029   1.00 23.75 ? 95 HOH B O     1 
HETATM 392 O  O     . HOH F 4 . ? 7.775   -4.460  5.647   0.50 10.06 ? 97 HOH B O     1 
# 
loop_
_pdbx_poly_seq_scheme.asym_id 
_pdbx_poly_seq_scheme.entity_id 
_pdbx_poly_seq_scheme.seq_id 
_pdbx_poly_seq_scheme.mon_id 
_pdbx_poly_seq_scheme.ndb_seq_num 
_pdbx_poly_seq_scheme.pdb_seq_num 
_pdbx_poly_seq_scheme.auth_seq_num 
_pdbx_poly_seq_scheme.pdb_mon_id 
_pdbx_poly_seq_scheme.auth_mon_id 
_pdbx_poly_seq_scheme.pdb_strand_id 
_pdbx_poly_seq_scheme.pdb_ins_code 
_pdbx_poly_seq_scheme.hetero 
A 1 1 G 1 1  1  G GR A . n 
A 1 2 G 2 2  2  G GR A . n 
A 1 3 U 3 3  3  U UR A . n 
A 1 4 G 4 4  4  G GR A . n 
A 1 5 A 5 5  5  A AR A . n 
A 1 6 G 6 6  6  G GR A . n 
A 1 7 G 7 7  7  G GR A . n 
B 2 1 C 1 66 66 C CR B . n 
B 2 2 C 2 67 67 C CR B . n 
B 2 3 U 3 68 68 U UR B . n 
B 2 4 C 4 69 69 C CR B . n 
B 2 5 A 5 70 70 A AR B . n 
B 2 6 C 6 71 71 C CR B . n 
B 2 7 C 7 72 72 C CR B . n 
# 
loop_
_pdbx_nonpoly_scheme.asym_id 
_pdbx_nonpoly_scheme.entity_id 
_pdbx_nonpoly_scheme.mon_id 
_pdbx_nonpoly_scheme.ndb_seq_num 
_pdbx_nonpoly_scheme.pdb_seq_num 
_pdbx_nonpoly_scheme.auth_seq_num 
_pdbx_nonpoly_scheme.pdb_mon_id 
_pdbx_nonpoly_scheme.auth_mon_id 
_pdbx_nonpoly_scheme.pdb_strand_id 
_pdbx_nonpoly_scheme.pdb_ins_code 
C 3 MG  1  8  1  MG  MG  A . 
D 3 MG  1  9  1  MG  MG  A . 
E 4 HOH 1  10 10 HOH HOH A . 
E 4 HOH 2  11 11 HOH HOH A . 
E 4 HOH 3  12 12 HOH HOH A . 
E 4 HOH 4  13 13 HOH HOH A . 
E 4 HOH 5  14 14 HOH HOH A . 
E 4 HOH 6  15 15 HOH HOH A . 
E 4 HOH 7  16 1  HOH HOH A . 
E 4 HOH 8  17 17 HOH HOH A . 
E 4 HOH 9  18 18 HOH HOH A . 
E 4 HOH 10 19 19 HOH HOH A . 
E 4 HOH 11 20 3  HOH HOH A . 
E 4 HOH 12 21 6  HOH HOH A . 
E 4 HOH 13 22 7  HOH HOH A . 
E 4 HOH 14 23 9  HOH HOH A . 
E 4 HOH 15 24 24 HOH HOH A . 
E 4 HOH 16 25 25 HOH HOH A . 
E 4 HOH 17 26 26 HOH HOH A . 
E 4 HOH 18 27 27 HOH HOH A . 
E 4 HOH 19 30 30 HOH HOH A . 
E 4 HOH 20 34 34 HOH HOH A . 
E 4 HOH 21 36 36 HOH HOH A . 
E 4 HOH 22 37 37 HOH HOH A . 
E 4 HOH 23 38 38 HOH HOH A . 
E 4 HOH 24 39 39 HOH HOH A . 
E 4 HOH 25 40 40 HOH HOH A . 
E 4 HOH 26 41 41 HOH HOH A . 
E 4 HOH 27 42 42 HOH HOH A . 
E 4 HOH 28 45 45 HOH HOH A . 
E 4 HOH 29 47 47 HOH HOH A . 
E 4 HOH 30 50 50 HOH HOH A . 
E 4 HOH 31 51 51 HOH HOH A . 
E 4 HOH 32 57 57 HOH HOH A . 
E 4 HOH 33 60 60 HOH HOH A . 
E 4 HOH 34 66 66 HOH HOH A . 
E 4 HOH 35 68 68 HOH HOH A . 
E 4 HOH 36 71 71 HOH HOH A . 
E 4 HOH 37 73 73 HOH HOH A . 
E 4 HOH 38 74 74 HOH HOH A . 
E 4 HOH 39 77 77 HOH HOH A . 
E 4 HOH 40 81 81 HOH HOH A . 
E 4 HOH 41 82 82 HOH HOH A . 
E 4 HOH 42 83 83 HOH HOH A . 
E 4 HOH 43 84 84 HOH HOH A . 
E 4 HOH 44 85 85 HOH HOH A . 
E 4 HOH 45 87 87 HOH HOH A . 
E 4 HOH 46 88 88 HOH HOH A . 
E 4 HOH 47 90 90 HOH HOH A . 
E 4 HOH 48 93 93 HOH HOH A . 
E 4 HOH 49 94 94 HOH HOH A . 
E 4 HOH 50 96 96 HOH HOH A . 
F 4 HOH 1  2  2  HOH HOH B . 
F 4 HOH 2  4  4  HOH HOH B . 
F 4 HOH 3  5  5  HOH HOH B . 
F 4 HOH 4  8  8  HOH HOH B . 
F 4 HOH 5  16 16 HOH HOH B . 
F 4 HOH 6  20 20 HOH HOH B . 
F 4 HOH 7  21 21 HOH HOH B . 
F 4 HOH 8  22 22 HOH HOH B . 
F 4 HOH 9  23 23 HOH HOH B . 
F 4 HOH 10 28 28 HOH HOH B . 
F 4 HOH 11 29 29 HOH HOH B . 
F 4 HOH 12 31 31 HOH HOH B . 
F 4 HOH 13 32 32 HOH HOH B . 
F 4 HOH 14 33 33 HOH HOH B . 
F 4 HOH 15 35 35 HOH HOH B . 
F 4 HOH 16 43 43 HOH HOH B . 
F 4 HOH 17 44 44 HOH HOH B . 
F 4 HOH 18 46 46 HOH HOH B . 
F 4 HOH 19 48 48 HOH HOH B . 
F 4 HOH 20 49 49 HOH HOH B . 
F 4 HOH 21 52 52 HOH HOH B . 
F 4 HOH 22 53 53 HOH HOH B . 
F 4 HOH 23 54 54 HOH HOH B . 
F 4 HOH 24 55 55 HOH HOH B . 
F 4 HOH 25 56 56 HOH HOH B . 
F 4 HOH 26 58 58 HOH HOH B . 
F 4 HOH 27 59 59 HOH HOH B . 
F 4 HOH 28 61 61 HOH HOH B . 
F 4 HOH 29 62 62 HOH HOH B . 
F 4 HOH 30 63 63 HOH HOH B . 
F 4 HOH 31 64 64 HOH HOH B . 
F 4 HOH 32 65 65 HOH HOH B . 
F 4 HOH 33 73 67 HOH HOH B . 
F 4 HOH 34 74 69 HOH HOH B . 
F 4 HOH 35 75 75 HOH HOH B . 
F 4 HOH 36 76 76 HOH HOH B . 
F 4 HOH 37 77 70 HOH HOH B . 
F 4 HOH 38 78 78 HOH HOH B . 
F 4 HOH 39 79 79 HOH HOH B . 
F 4 HOH 40 80 80 HOH HOH B . 
F 4 HOH 41 81 72 HOH HOH B . 
F 4 HOH 42 86 86 HOH HOH B . 
F 4 HOH 43 89 89 HOH HOH B . 
F 4 HOH 44 91 91 HOH HOH B . 
F 4 HOH 45 92 92 HOH HOH B . 
F 4 HOH 46 95 95 HOH HOH B . 
F 4 HOH 47 97 97 HOH HOH B . 
# 
_pdbx_struct_assembly.id                   1 
_pdbx_struct_assembly.details              author_and_software_defined_assembly 
_pdbx_struct_assembly.method_details       PISA 
_pdbx_struct_assembly.oligomeric_details   dimeric 
_pdbx_struct_assembly.oligomeric_count     2 
# 
_pdbx_struct_assembly_gen.assembly_id       1 
_pdbx_struct_assembly_gen.oper_expression   1 
_pdbx_struct_assembly_gen.asym_id_list      A,B,C,D,E,F 
# 
loop_
_pdbx_struct_assembly_prop.biol_id 
_pdbx_struct_assembly_prop.type 
_pdbx_struct_assembly_prop.value 
_pdbx_struct_assembly_prop.details 
1 'ABSA (A^2)' 700  ? 
1 MORE         -3   ? 
1 'SSA (A^2)'  2770 ? 
# 
_pdbx_struct_oper_list.id                   1 
_pdbx_struct_oper_list.type                 'identity operation' 
_pdbx_struct_oper_list.name                 1_555 
_pdbx_struct_oper_list.symmetry_operation   x,y,z 
_pdbx_struct_oper_list.matrix[1][1]         1.0000000000 
_pdbx_struct_oper_list.matrix[1][2]         0.0000000000 
_pdbx_struct_oper_list.matrix[1][3]         0.0000000000 
_pdbx_struct_oper_list.vector[1]            0.0000000000 
_pdbx_struct_oper_list.matrix[2][1]         0.0000000000 
_pdbx_struct_oper_list.matrix[2][2]         1.0000000000 
_pdbx_struct_oper_list.matrix[2][3]         0.0000000000 
_pdbx_struct_oper_list.vector[2]            0.0000000000 
_pdbx_struct_oper_list.matrix[3][1]         0.0000000000 
_pdbx_struct_oper_list.matrix[3][2]         0.0000000000 
_pdbx_struct_oper_list.matrix[3][3]         1.0000000000 
_pdbx_struct_oper_list.vector[3]            0.0000000000 
# 
loop_
_pdbx_struct_conn_angle.id 
_pdbx_struct_conn_angle.ptnr1_label_atom_id 
_pdbx_struct_conn_angle.ptnr1_label_alt_id 
_pdbx_struct_conn_angle.ptnr1_label_asym_id 
_pdbx_struct_conn_angle.ptnr1_label_comp_id 
_pdbx_struct_conn_angle.ptnr1_label_seq_id 
_pdbx_struct_conn_angle.ptnr1_auth_atom_id 
_pdbx_struct_conn_angle.ptnr1_auth_asym_id 
_pdbx_struct_conn_angle.ptnr1_auth_comp_id 
_pdbx_struct_conn_angle.ptnr1_auth_seq_id 
_pdbx_struct_conn_angle.ptnr1_PDB_ins_code 
_pdbx_struct_conn_angle.ptnr1_symmetry 
_pdbx_struct_conn_angle.ptnr2_label_atom_id 
_pdbx_struct_conn_angle.ptnr2_label_alt_id 
_pdbx_struct_conn_angle.ptnr2_label_asym_id 
_pdbx_struct_conn_angle.ptnr2_label_comp_id 
_pdbx_struct_conn_angle.ptnr2_label_seq_id 
_pdbx_struct_conn_angle.ptnr2_auth_atom_id 
_pdbx_struct_conn_angle.ptnr2_auth_asym_id 
_pdbx_struct_conn_angle.ptnr2_auth_comp_id 
_pdbx_struct_conn_angle.ptnr2_auth_seq_id 
_pdbx_struct_conn_angle.ptnr2_PDB_ins_code 
_pdbx_struct_conn_angle.ptnr2_symmetry 
_pdbx_struct_conn_angle.ptnr3_label_atom_id 
_pdbx_struct_conn_angle.ptnr3_label_alt_id 
_pdbx_struct_conn_angle.ptnr3_label_asym_id 
_pdbx_struct_conn_angle.ptnr3_label_comp_id 
_pdbx_struct_conn_angle.ptnr3_label_seq_id 
_pdbx_struct_conn_angle.ptnr3_auth_atom_id 
_pdbx_struct_conn_angle.ptnr3_auth_asym_id 
_pdbx_struct_conn_angle.ptnr3_auth_comp_id 
_pdbx_struct_conn_angle.ptnr3_auth_seq_id 
_pdbx_struct_conn_angle.ptnr3_PDB_ins_code 
_pdbx_struct_conn_angle.ptnr3_symmetry 
_pdbx_struct_conn_angle.value 
_pdbx_struct_conn_angle.value_esd 
1  O ? E HOH . ? A HOH 12 ? 1_555 MG ? C MG . ? A MG 8 ? 1_555 O ? E HOH . ? A HOH 14 ? 1_555 92.3  ? 
2  O ? E HOH . ? A HOH 12 ? 1_555 MG ? C MG . ? A MG 8 ? 1_555 O ? E HOH . ? A HOH 77 ? 1_555 174.5 ? 
3  O ? E HOH . ? A HOH 14 ? 1_555 MG ? C MG . ? A MG 8 ? 1_555 O ? E HOH . ? A HOH 77 ? 1_555 93.1  ? 
4  O ? E HOH . ? A HOH 12 ? 1_555 MG ? C MG . ? A MG 8 ? 1_555 O ? E HOH . ? A HOH 94 ? 1_555 90.9  ? 
5  O ? E HOH . ? A HOH 14 ? 1_555 MG ? C MG . ? A MG 8 ? 1_555 O ? E HOH . ? A HOH 94 ? 1_555 90.9  ? 
6  O ? E HOH . ? A HOH 77 ? 1_555 MG ? C MG . ? A MG 8 ? 1_555 O ? E HOH . ? A HOH 94 ? 1_555 89.1  ? 
7  O ? E HOH . ? A HOH 12 ? 1_555 MG ? C MG . ? A MG 8 ? 1_555 O ? E HOH . ? A HOH 96 ? 1_555 82.8  ? 
8  O ? E HOH . ? A HOH 14 ? 1_555 MG ? C MG . ? A MG 8 ? 1_555 O ? E HOH . ? A HOH 96 ? 1_555 174.9 ? 
9  O ? E HOH . ? A HOH 77 ? 1_555 MG ? C MG . ? A MG 8 ? 1_555 O ? E HOH . ? A HOH 96 ? 1_555 91.8  ? 
10 O ? E HOH . ? A HOH 94 ? 1_555 MG ? C MG . ? A MG 8 ? 1_555 O ? E HOH . ? A HOH 96 ? 1_555 90.6  ? 
11 O ? E HOH . ? A HOH 15 ? 1_555 MG ? D MG . ? A MG 9 ? 1_555 O ? E HOH . ? A HOH 16 ? 1_555 93.4  ? 
12 O ? E HOH . ? A HOH 15 ? 1_555 MG ? D MG . ? A MG 9 ? 1_555 O ? E HOH . ? A HOH 21 ? 1_555 175.6 ? 
13 O ? E HOH . ? A HOH 16 ? 1_555 MG ? D MG . ? A MG 9 ? 1_555 O ? E HOH . ? A HOH 21 ? 1_555 91.0  ? 
# 
loop_
_pdbx_audit_revision_history.ordinal 
_pdbx_audit_revision_history.data_content_type 
_pdbx_audit_revision_history.major_revision 
_pdbx_audit_revision_history.minor_revision 
_pdbx_audit_revision_history.revision_date 
1 'Structure model' 1 0 2009-07-28 
2 'Structure model' 1 1 2011-07-13 
3 'Structure model' 1 2 2023-11-01 
# 
_pdbx_audit_revision_details.ordinal             1 
_pdbx_audit_revision_details.revision_ordinal    1 
_pdbx_audit_revision_details.data_content_type   'Structure model' 
_pdbx_audit_revision_details.provider            repository 
_pdbx_audit_revision_details.type                'Initial release' 
_pdbx_audit_revision_details.description         ? 
_pdbx_audit_revision_details.details             ? 
# 
loop_
_pdbx_audit_revision_group.ordinal 
_pdbx_audit_revision_group.revision_ordinal 
_pdbx_audit_revision_group.data_content_type 
_pdbx_audit_revision_group.group 
1 2 'Structure model' 'Version format compliance' 
2 3 'Structure model' 'Data collection'           
3 3 'Structure model' 'Database references'       
4 3 'Structure model' 'Derived calculations'      
5 3 'Structure model' 'Refinement description'    
# 
loop_
_pdbx_audit_revision_category.ordinal 
_pdbx_audit_revision_category.revision_ordinal 
_pdbx_audit_revision_category.data_content_type 
_pdbx_audit_revision_category.category 
1 3 'Structure model' chem_comp_atom                
2 3 'Structure model' chem_comp_bond                
3 3 'Structure model' database_2                    
4 3 'Structure model' pdbx_initial_refinement_model 
5 3 'Structure model' pdbx_struct_conn_angle        
6 3 'Structure model' struct_conn                   
7 3 'Structure model' struct_site                   
# 
loop_
_pdbx_audit_revision_item.ordinal 
_pdbx_audit_revision_item.revision_ordinal 
_pdbx_audit_revision_item.data_content_type 
_pdbx_audit_revision_item.item 
1  3 'Structure model' '_database_2.pdbx_DOI'                      
2  3 'Structure model' '_database_2.pdbx_database_accession'       
3  3 'Structure model' '_pdbx_struct_conn_angle.ptnr1_auth_seq_id' 
4  3 'Structure model' '_pdbx_struct_conn_angle.ptnr3_auth_seq_id' 
5  3 'Structure model' '_pdbx_struct_conn_angle.value'             
6  3 'Structure model' '_struct_conn.pdbx_dist_value'              
7  3 'Structure model' '_struct_conn.ptnr2_auth_seq_id'            
8  3 'Structure model' '_struct_site.pdbx_auth_asym_id'            
9  3 'Structure model' '_struct_site.pdbx_auth_comp_id'            
10 3 'Structure model' '_struct_site.pdbx_auth_seq_id'             
# 
loop_
_software.name 
_software.classification 
_software.version 
_software.citation_id 
_software.pdbx_ordinal 
HKL-2000 'data collection' .   ? 1 
PHASER   phasing           .   ? 2 
REFMAC   refinement        5.0 ? 3 
HKL-2000 'data reduction'  .   ? 4 
HKL-2000 'data scaling'    .   ? 5 
# 
loop_
_pdbx_validate_rmsd_bond.id 
_pdbx_validate_rmsd_bond.PDB_model_num 
_pdbx_validate_rmsd_bond.auth_atom_id_1 
_pdbx_validate_rmsd_bond.auth_asym_id_1 
_pdbx_validate_rmsd_bond.auth_comp_id_1 
_pdbx_validate_rmsd_bond.auth_seq_id_1 
_pdbx_validate_rmsd_bond.PDB_ins_code_1 
_pdbx_validate_rmsd_bond.label_alt_id_1 
_pdbx_validate_rmsd_bond.auth_atom_id_2 
_pdbx_validate_rmsd_bond.auth_asym_id_2 
_pdbx_validate_rmsd_bond.auth_comp_id_2 
_pdbx_validate_rmsd_bond.auth_seq_id_2 
_pdbx_validate_rmsd_bond.PDB_ins_code_2 
_pdbx_validate_rmsd_bond.label_alt_id_2 
_pdbx_validate_rmsd_bond.bond_value 
_pdbx_validate_rmsd_bond.bond_target_value 
_pdbx_validate_rmsd_bond.bond_deviation 
_pdbx_validate_rmsd_bond.bond_standard_deviation 
_pdbx_validate_rmsd_bond.linker_flag 
1  1 C2    A G 1  ? ? N3  A G 1  ? ? 1.432 1.323 0.109  0.008 N 
2  1 C5    A G 1  ? ? N7  A G 1  ? ? 1.470 1.388 0.082  0.006 N 
3  1 C8    A G 1  ? ? N9  A G 1  ? ? 1.329 1.374 -0.045 0.007 N 
4  1 C2    A G 2  ? ? N3  A G 2  ? ? 1.458 1.323 0.135  0.008 N 
5  1 C4    A G 2  ? ? C5  A G 2  ? ? 1.451 1.379 0.072  0.007 N 
6  1 C5    A G 2  ? ? N7  A G 2  ? ? 1.521 1.388 0.133  0.006 N 
7  1 N7    A G 2  ? ? C8  A G 2  ? ? 1.347 1.305 0.042  0.006 N 
8  1 "O3'" A G 2  ? ? P   A U 3  ? ? 1.512 1.607 -0.095 0.012 Y 
9  1 C2    A G 4  ? ? N3  A G 4  ? ? 1.438 1.323 0.115  0.008 N 
10 1 C4    A G 4  ? ? C5  A G 4  ? ? 1.459 1.379 0.080  0.007 N 
11 1 C5    A G 4  ? ? N7  A G 4  ? ? 1.514 1.388 0.126  0.006 N 
12 1 N7    A G 4  ? ? C8  A G 4  ? ? 1.350 1.305 0.045  0.006 N 
13 1 C2    A G 6  ? ? N3  A G 6  ? ? 1.445 1.323 0.122  0.008 N 
14 1 C4    A G 6  ? ? C5  A G 6  ? ? 1.445 1.379 0.066  0.007 N 
15 1 C5    A G 6  ? ? C6  A G 6  ? ? 1.354 1.419 -0.065 0.010 N 
16 1 C5    A G 6  ? ? N7  A G 6  ? ? 1.552 1.388 0.164  0.006 N 
17 1 N7    A G 6  ? ? C8  A G 6  ? ? 1.351 1.305 0.046  0.006 N 
18 1 C2    A G 6  ? ? N2  A G 6  ? ? 1.403 1.341 0.062  0.010 N 
19 1 C2    A G 7  ? ? N3  A G 7  ? ? 1.481 1.323 0.158  0.008 N 
20 1 N3    A G 7  ? ? C4  A G 7  ? ? 1.307 1.350 -0.043 0.007 N 
21 1 C5    A G 7  ? ? N7  A G 7  ? ? 1.527 1.388 0.139  0.006 N 
22 1 N7    A G 7  ? ? C8  A G 7  ? ? 1.409 1.305 0.104  0.006 N 
23 1 N3    B C 66 ? ? C4  B C 66 ? ? 1.281 1.335 -0.054 0.007 N 
24 1 C4    B C 66 ? ? C5  B C 66 ? ? 1.364 1.425 -0.061 0.008 N 
25 1 C2    B C 67 ? ? N3  B C 67 ? ? 1.428 1.353 0.075  0.008 N 
26 1 N3    B C 67 ? ? C4  B C 67 ? ? 1.272 1.335 -0.063 0.007 N 
27 1 P     B U 68 ? ? OP2 B U 68 ? ? 1.378 1.485 -0.107 0.017 N 
28 1 C4    B C 69 ? ? N4  B C 69 ? ? 1.397 1.335 0.062  0.009 N 
29 1 N1    B C 69 ? ? C6  B C 69 ? ? 1.321 1.367 -0.046 0.006 N 
30 1 C2    B C 69 ? ? N3  B C 69 ? ? 1.411 1.353 0.058  0.008 N 
31 1 N3    B C 69 ? ? C4  B C 69 ? ? 1.244 1.335 -0.091 0.007 N 
32 1 C4    B C 69 ? ? C5  B C 69 ? ? 1.350 1.425 -0.075 0.008 N 
33 1 N3    B C 71 ? ? C4  B C 71 ? ? 1.276 1.335 -0.059 0.007 N 
34 1 C4    B C 71 ? ? C5  B C 71 ? ? 1.308 1.425 -0.117 0.008 N 
35 1 N3    B C 72 ? ? C4  B C 72 ? ? 1.269 1.335 -0.066 0.007 N 
36 1 C4    B C 72 ? ? C5  B C 72 ? ? 1.366 1.425 -0.059 0.008 N 
# 
loop_
_pdbx_validate_rmsd_angle.id 
_pdbx_validate_rmsd_angle.PDB_model_num 
_pdbx_validate_rmsd_angle.auth_atom_id_1 
_pdbx_validate_rmsd_angle.auth_asym_id_1 
_pdbx_validate_rmsd_angle.auth_comp_id_1 
_pdbx_validate_rmsd_angle.auth_seq_id_1 
_pdbx_validate_rmsd_angle.PDB_ins_code_1 
_pdbx_validate_rmsd_angle.label_alt_id_1 
_pdbx_validate_rmsd_angle.auth_atom_id_2 
_pdbx_validate_rmsd_angle.auth_asym_id_2 
_pdbx_validate_rmsd_angle.auth_comp_id_2 
_pdbx_validate_rmsd_angle.auth_seq_id_2 
_pdbx_validate_rmsd_angle.PDB_ins_code_2 
_pdbx_validate_rmsd_angle.label_alt_id_2 
_pdbx_validate_rmsd_angle.auth_atom_id_3 
_pdbx_validate_rmsd_angle.auth_asym_id_3 
_pdbx_validate_rmsd_angle.auth_comp_id_3 
_pdbx_validate_rmsd_angle.auth_seq_id_3 
_pdbx_validate_rmsd_angle.PDB_ins_code_3 
_pdbx_validate_rmsd_angle.label_alt_id_3 
_pdbx_validate_rmsd_angle.angle_value 
_pdbx_validate_rmsd_angle.angle_target_value 
_pdbx_validate_rmsd_angle.angle_deviation 
_pdbx_validate_rmsd_angle.angle_standard_deviation 
_pdbx_validate_rmsd_angle.linker_flag 
1  1 C6    A G 1  ? ? N1 A G 1  ? ? C2  A G 1  ? ? 117.64 125.10 -7.46  0.60 N 
2  1 N1    A G 1  ? ? C2 A G 1  ? ? N3  A G 1  ? ? 128.45 123.90 4.55   0.60 N 
3  1 C2    A G 1  ? ? N3 A G 1  ? ? C4  A G 1  ? ? 108.21 111.90 -3.69  0.50 N 
4  1 C4    A G 1  ? ? C5 A G 1  ? ? N7  A G 1  ? ? 106.93 110.80 -3.87  0.40 N 
5  1 N1    A G 1  ? ? C2 A G 1  ? ? N2  A G 1  ? ? 109.60 116.20 -6.60  0.90 N 
6  1 C5    A G 1  ? ? C6 A G 1  ? ? O6  A G 1  ? ? 124.59 128.60 -4.01  0.60 N 
7  1 C6    A G 2  ? ? N1 A G 2  ? ? C2  A G 2  ? ? 119.89 125.10 -5.21  0.60 N 
8  1 N1    A G 2  ? ? C2 A G 2  ? ? N3  A G 2  ? ? 128.86 123.90 4.96   0.60 N 
9  1 C4    A G 2  ? ? C5 A G 2  ? ? C6  A G 2  ? ? 122.98 118.80 4.18   0.60 N 
10 1 C4    A G 2  ? ? C5 A G 2  ? ? N7  A G 2  ? ? 106.48 110.80 -4.32  0.40 N 
11 1 C8    A G 2  ? ? N9 A G 2  ? ? C4  A G 2  ? ? 109.07 106.40 2.67   0.40 N 
12 1 N1    A G 2  ? ? C2 A G 2  ? ? N2  A G 2  ? ? 108.99 116.20 -7.21  0.90 N 
13 1 "O5'" A U 3  ? ? P  A U 3  ? ? OP2 A U 3  ? ? 99.34  105.70 -6.36  0.90 N 
14 1 C2    A G 4  ? ? N3 A G 4  ? ? C4  A G 4  ? ? 105.91 111.90 -5.99  0.50 N 
15 1 N3    A G 4  ? ? C4 A G 4  ? ? C5  A G 4  ? ? 131.77 128.60 3.17   0.50 N 
16 1 C4    A G 4  ? ? C5 A G 4  ? ? N7  A G 4  ? ? 107.82 110.80 -2.98  0.40 N 
17 1 C8    A G 4  ? ? N9 A G 4  ? ? C4  A G 4  ? ? 113.11 106.40 6.71   0.40 N 
18 1 N1    A G 4  ? ? C6 A G 4  ? ? O6  A G 4  ? ? 125.47 119.90 5.57   0.60 N 
19 1 C5    A G 4  ? ? C6 A G 4  ? ? O6  A G 4  ? ? 123.13 128.60 -5.47  0.60 N 
20 1 C2    A G 6  ? ? N3 A G 6  ? ? C4  A G 6  ? ? 107.94 111.90 -3.96  0.50 N 
21 1 C4    A G 6  ? ? C5 A G 6  ? ? N7  A G 6  ? ? 106.03 110.80 -4.77  0.40 N 
22 1 C5    A G 6  ? ? N7 A G 6  ? ? C8  A G 6  ? ? 100.62 104.30 -3.68  0.50 N 
23 1 N7    A G 6  ? ? C8 A G 6  ? ? N9  A G 6  ? ? 116.75 113.10 3.65   0.50 N 
24 1 N9    A G 6  ? ? C4 A G 6  ? ? C5  A G 6  ? ? 107.96 105.40 2.56   0.40 N 
25 1 N1    A G 6  ? ? C6 A G 6  ? ? O6  A G 6  ? ? 124.35 119.90 4.45   0.60 N 
26 1 C5    A G 6  ? ? C6 A G 6  ? ? O6  A G 6  ? ? 121.95 128.60 -6.65  0.60 N 
27 1 C6    A G 7  ? ? N1 A G 7  ? ? C2  A G 7  ? ? 118.01 125.10 -7.09  0.60 N 
28 1 N1    A G 7  ? ? C2 A G 7  ? ? N3  A G 7  ? ? 127.81 123.90 3.91   0.60 N 
29 1 C4    A G 7  ? ? C5 A G 7  ? ? C6  A G 7  ? ? 123.39 118.80 4.59   0.60 N 
30 1 C8    A G 7  ? ? N9 A G 7  ? ? C4  A G 7  ? ? 109.20 106.40 2.80   0.40 N 
31 1 N9    A G 7  ? ? C4 A G 7  ? ? C5  A G 7  ? ? 107.86 105.40 2.46   0.40 N 
32 1 N1    B C 66 ? ? C2 B C 66 ? ? N3  B C 66 ? ? 113.18 119.20 -6.02  0.70 N 
33 1 C2    B C 66 ? ? N3 B C 66 ? ? C4  B C 66 ? ? 125.05 119.90 5.15   0.50 N 
34 1 C6    B C 67 ? ? N1 B C 67 ? ? C2  B C 67 ? ? 112.85 120.30 -7.45  0.40 N 
35 1 C2    B C 67 ? ? N3 B C 67 ? ? C4  B C 67 ? ? 129.10 119.90 9.20   0.50 N 
36 1 N3    B C 67 ? ? C4 B C 67 ? ? C5  B C 67 ? ? 109.89 121.90 -12.01 0.40 N 
37 1 C4    B C 67 ? ? C5 B C 67 ? ? C6  B C 67 ? ? 124.39 117.40 6.99   0.50 N 
38 1 C5    B C 67 ? ? C6 B C 67 ? ? N1  B C 67 ? ? 124.39 121.00 3.39   0.50 N 
39 1 N3    B C 67 ? ? C4 B C 67 ? ? N4  B C 67 ? ? 123.58 118.00 5.58   0.70 N 
40 1 C5    B C 67 ? ? C4 B C 67 ? ? N4  B C 67 ? ? 126.50 120.20 6.30   0.70 N 
41 1 C6    B C 69 ? ? N1 B C 69 ? ? C2  B C 69 ? ? 115.92 120.30 -4.38  0.40 N 
42 1 C2    B C 69 ? ? N3 B C 69 ? ? C4  B C 69 ? ? 122.93 119.90 3.03   0.50 N 
43 1 N3    B C 69 ? ? C4 B C 69 ? ? C5  B C 69 ? ? 113.47 121.90 -8.43  0.40 N 
44 1 C4    B C 69 ? ? C5 B C 69 ? ? C6  B C 69 ? ? 129.88 117.40 12.48  0.50 N 
45 1 C5    B C 69 ? ? C6 B C 69 ? ? N1  B C 69 ? ? 117.29 121.00 -3.71  0.50 N 
46 1 C5    B C 69 ? ? C4 B C 69 ? ? N4  B C 69 ? ? 130.86 120.20 10.66  0.70 N 
47 1 C5    B A 70 ? ? N7 B A 70 ? ? C8  B A 70 ? ? 106.96 103.90 3.06   0.50 N 
48 1 N7    B A 70 ? ? C8 B A 70 ? ? N9  B A 70 ? ? 110.04 113.80 -3.76  0.50 N 
49 1 C6    B C 71 ? ? N1 B C 71 ? ? C2  B C 71 ? ? 115.46 120.30 -4.84  0.40 N 
50 1 C2    B C 71 ? ? N3 B C 71 ? ? C4  B C 71 ? ? 124.47 119.90 4.57   0.50 N 
51 1 N3    B C 71 ? ? C4 B C 71 ? ? C5  B C 71 ? ? 118.44 121.90 -3.46  0.40 N 
52 1 C4    B C 71 ? ? C5 B C 71 ? ? C6  B C 71 ? ? 121.05 117.40 3.65   0.50 N 
53 1 N3    B C 72 ? ? C4 B C 72 ? ? C5  B C 72 ? ? 119.42 121.90 -2.48  0.40 N 
54 1 C4    B C 72 ? ? C5 B C 72 ? ? C6  B C 72 ? ? 121.89 117.40 4.49   0.50 N 
# 
loop_
_chem_comp_atom.comp_id 
_chem_comp_atom.atom_id 
_chem_comp_atom.type_symbol 
_chem_comp_atom.pdbx_aromatic_flag 
_chem_comp_atom.pdbx_stereo_config 
_chem_comp_atom.pdbx_ordinal 
A   OP3    O  N N 1   
A   P      P  N N 2   
A   OP1    O  N N 3   
A   OP2    O  N N 4   
A   "O5'"  O  N N 5   
A   "C5'"  C  N N 6   
A   "C4'"  C  N R 7   
A   "O4'"  O  N N 8   
A   "C3'"  C  N S 9   
A   "O3'"  O  N N 10  
A   "C2'"  C  N R 11  
A   "O2'"  O  N N 12  
A   "C1'"  C  N R 13  
A   N9     N  Y N 14  
A   C8     C  Y N 15  
A   N7     N  Y N 16  
A   C5     C  Y N 17  
A   C6     C  Y N 18  
A   N6     N  N N 19  
A   N1     N  Y N 20  
A   C2     C  Y N 21  
A   N3     N  Y N 22  
A   C4     C  Y N 23  
A   HOP3   H  N N 24  
A   HOP2   H  N N 25  
A   "H5'"  H  N N 26  
A   "H5''" H  N N 27  
A   "H4'"  H  N N 28  
A   "H3'"  H  N N 29  
A   "HO3'" H  N N 30  
A   "H2'"  H  N N 31  
A   "HO2'" H  N N 32  
A   "H1'"  H  N N 33  
A   H8     H  N N 34  
A   H61    H  N N 35  
A   H62    H  N N 36  
A   H2     H  N N 37  
C   OP3    O  N N 38  
C   P      P  N N 39  
C   OP1    O  N N 40  
C   OP2    O  N N 41  
C   "O5'"  O  N N 42  
C   "C5'"  C  N N 43  
C   "C4'"  C  N R 44  
C   "O4'"  O  N N 45  
C   "C3'"  C  N S 46  
C   "O3'"  O  N N 47  
C   "C2'"  C  N R 48  
C   "O2'"  O  N N 49  
C   "C1'"  C  N R 50  
C   N1     N  N N 51  
C   C2     C  N N 52  
C   O2     O  N N 53  
C   N3     N  N N 54  
C   C4     C  N N 55  
C   N4     N  N N 56  
C   C5     C  N N 57  
C   C6     C  N N 58  
C   HOP3   H  N N 59  
C   HOP2   H  N N 60  
C   "H5'"  H  N N 61  
C   "H5''" H  N N 62  
C   "H4'"  H  N N 63  
C   "H3'"  H  N N 64  
C   "HO3'" H  N N 65  
C   "H2'"  H  N N 66  
C   "HO2'" H  N N 67  
C   "H1'"  H  N N 68  
C   H41    H  N N 69  
C   H42    H  N N 70  
C   H5     H  N N 71  
C   H6     H  N N 72  
G   OP3    O  N N 73  
G   P      P  N N 74  
G   OP1    O  N N 75  
G   OP2    O  N N 76  
G   "O5'"  O  N N 77  
G   "C5'"  C  N N 78  
G   "C4'"  C  N R 79  
G   "O4'"  O  N N 80  
G   "C3'"  C  N S 81  
G   "O3'"  O  N N 82  
G   "C2'"  C  N R 83  
G   "O2'"  O  N N 84  
G   "C1'"  C  N R 85  
G   N9     N  Y N 86  
G   C8     C  Y N 87  
G   N7     N  Y N 88  
G   C5     C  Y N 89  
G   C6     C  N N 90  
G   O6     O  N N 91  
G   N1     N  N N 92  
G   C2     C  N N 93  
G   N2     N  N N 94  
G   N3     N  N N 95  
G   C4     C  Y N 96  
G   HOP3   H  N N 97  
G   HOP2   H  N N 98  
G   "H5'"  H  N N 99  
G   "H5''" H  N N 100 
G   "H4'"  H  N N 101 
G   "H3'"  H  N N 102 
G   "HO3'" H  N N 103 
G   "H2'"  H  N N 104 
G   "HO2'" H  N N 105 
G   "H1'"  H  N N 106 
G   H8     H  N N 107 
G   H1     H  N N 108 
G   H21    H  N N 109 
G   H22    H  N N 110 
HOH O      O  N N 111 
HOH H1     H  N N 112 
HOH H2     H  N N 113 
MG  MG     MG N N 114 
U   OP3    O  N N 115 
U   P      P  N N 116 
U   OP1    O  N N 117 
U   OP2    O  N N 118 
U   "O5'"  O  N N 119 
U   "C5'"  C  N N 120 
U   "C4'"  C  N R 121 
U   "O4'"  O  N N 122 
U   "C3'"  C  N S 123 
U   "O3'"  O  N N 124 
U   "C2'"  C  N R 125 
U   "O2'"  O  N N 126 
U   "C1'"  C  N R 127 
U   N1     N  N N 128 
U   C2     C  N N 129 
U   O2     O  N N 130 
U   N3     N  N N 131 
U   C4     C  N N 132 
U   O4     O  N N 133 
U   C5     C  N N 134 
U   C6     C  N N 135 
U   HOP3   H  N N 136 
U   HOP2   H  N N 137 
U   "H5'"  H  N N 138 
U   "H5''" H  N N 139 
U   "H4'"  H  N N 140 
U   "H3'"  H  N N 141 
U   "HO3'" H  N N 142 
U   "H2'"  H  N N 143 
U   "HO2'" H  N N 144 
U   "H1'"  H  N N 145 
U   H3     H  N N 146 
U   H5     H  N N 147 
U   H6     H  N N 148 
# 
loop_
_chem_comp_bond.comp_id 
_chem_comp_bond.atom_id_1 
_chem_comp_bond.atom_id_2 
_chem_comp_bond.value_order 
_chem_comp_bond.pdbx_aromatic_flag 
_chem_comp_bond.pdbx_stereo_config 
_chem_comp_bond.pdbx_ordinal 
A   OP3   P      sing N N 1   
A   OP3   HOP3   sing N N 2   
A   P     OP1    doub N N 3   
A   P     OP2    sing N N 4   
A   P     "O5'"  sing N N 5   
A   OP2   HOP2   sing N N 6   
A   "O5'" "C5'"  sing N N 7   
A   "C5'" "C4'"  sing N N 8   
A   "C5'" "H5'"  sing N N 9   
A   "C5'" "H5''" sing N N 10  
A   "C4'" "O4'"  sing N N 11  
A   "C4'" "C3'"  sing N N 12  
A   "C4'" "H4'"  sing N N 13  
A   "O4'" "C1'"  sing N N 14  
A   "C3'" "O3'"  sing N N 15  
A   "C3'" "C2'"  sing N N 16  
A   "C3'" "H3'"  sing N N 17  
A   "O3'" "HO3'" sing N N 18  
A   "C2'" "O2'"  sing N N 19  
A   "C2'" "C1'"  sing N N 20  
A   "C2'" "H2'"  sing N N 21  
A   "O2'" "HO2'" sing N N 22  
A   "C1'" N9     sing N N 23  
A   "C1'" "H1'"  sing N N 24  
A   N9    C8     sing Y N 25  
A   N9    C4     sing Y N 26  
A   C8    N7     doub Y N 27  
A   C8    H8     sing N N 28  
A   N7    C5     sing Y N 29  
A   C5    C6     sing Y N 30  
A   C5    C4     doub Y N 31  
A   C6    N6     sing N N 32  
A   C6    N1     doub Y N 33  
A   N6    H61    sing N N 34  
A   N6    H62    sing N N 35  
A   N1    C2     sing Y N 36  
A   C2    N3     doub Y N 37  
A   C2    H2     sing N N 38  
A   N3    C4     sing Y N 39  
C   OP3   P      sing N N 40  
C   OP3   HOP3   sing N N 41  
C   P     OP1    doub N N 42  
C   P     OP2    sing N N 43  
C   P     "O5'"  sing N N 44  
C   OP2   HOP2   sing N N 45  
C   "O5'" "C5'"  sing N N 46  
C   "C5'" "C4'"  sing N N 47  
C   "C5'" "H5'"  sing N N 48  
C   "C5'" "H5''" sing N N 49  
C   "C4'" "O4'"  sing N N 50  
C   "C4'" "C3'"  sing N N 51  
C   "C4'" "H4'"  sing N N 52  
C   "O4'" "C1'"  sing N N 53  
C   "C3'" "O3'"  sing N N 54  
C   "C3'" "C2'"  sing N N 55  
C   "C3'" "H3'"  sing N N 56  
C   "O3'" "HO3'" sing N N 57  
C   "C2'" "O2'"  sing N N 58  
C   "C2'" "C1'"  sing N N 59  
C   "C2'" "H2'"  sing N N 60  
C   "O2'" "HO2'" sing N N 61  
C   "C1'" N1     sing N N 62  
C   "C1'" "H1'"  sing N N 63  
C   N1    C2     sing N N 64  
C   N1    C6     sing N N 65  
C   C2    O2     doub N N 66  
C   C2    N3     sing N N 67  
C   N3    C4     doub N N 68  
C   C4    N4     sing N N 69  
C   C4    C5     sing N N 70  
C   N4    H41    sing N N 71  
C   N4    H42    sing N N 72  
C   C5    C6     doub N N 73  
C   C5    H5     sing N N 74  
C   C6    H6     sing N N 75  
G   OP3   P      sing N N 76  
G   OP3   HOP3   sing N N 77  
G   P     OP1    doub N N 78  
G   P     OP2    sing N N 79  
G   P     "O5'"  sing N N 80  
G   OP2   HOP2   sing N N 81  
G   "O5'" "C5'"  sing N N 82  
G   "C5'" "C4'"  sing N N 83  
G   "C5'" "H5'"  sing N N 84  
G   "C5'" "H5''" sing N N 85  
G   "C4'" "O4'"  sing N N 86  
G   "C4'" "C3'"  sing N N 87  
G   "C4'" "H4'"  sing N N 88  
G   "O4'" "C1'"  sing N N 89  
G   "C3'" "O3'"  sing N N 90  
G   "C3'" "C2'"  sing N N 91  
G   "C3'" "H3'"  sing N N 92  
G   "O3'" "HO3'" sing N N 93  
G   "C2'" "O2'"  sing N N 94  
G   "C2'" "C1'"  sing N N 95  
G   "C2'" "H2'"  sing N N 96  
G   "O2'" "HO2'" sing N N 97  
G   "C1'" N9     sing N N 98  
G   "C1'" "H1'"  sing N N 99  
G   N9    C8     sing Y N 100 
G   N9    C4     sing Y N 101 
G   C8    N7     doub Y N 102 
G   C8    H8     sing N N 103 
G   N7    C5     sing Y N 104 
G   C5    C6     sing N N 105 
G   C5    C4     doub Y N 106 
G   C6    O6     doub N N 107 
G   C6    N1     sing N N 108 
G   N1    C2     sing N N 109 
G   N1    H1     sing N N 110 
G   C2    N2     sing N N 111 
G   C2    N3     doub N N 112 
G   N2    H21    sing N N 113 
G   N2    H22    sing N N 114 
G   N3    C4     sing N N 115 
HOH O     H1     sing N N 116 
HOH O     H2     sing N N 117 
U   OP3   P      sing N N 118 
U   OP3   HOP3   sing N N 119 
U   P     OP1    doub N N 120 
U   P     OP2    sing N N 121 
U   P     "O5'"  sing N N 122 
U   OP2   HOP2   sing N N 123 
U   "O5'" "C5'"  sing N N 124 
U   "C5'" "C4'"  sing N N 125 
U   "C5'" "H5'"  sing N N 126 
U   "C5'" "H5''" sing N N 127 
U   "C4'" "O4'"  sing N N 128 
U   "C4'" "C3'"  sing N N 129 
U   "C4'" "H4'"  sing N N 130 
U   "O4'" "C1'"  sing N N 131 
U   "C3'" "O3'"  sing N N 132 
U   "C3'" "C2'"  sing N N 133 
U   "C3'" "H3'"  sing N N 134 
U   "O3'" "HO3'" sing N N 135 
U   "C2'" "O2'"  sing N N 136 
U   "C2'" "C1'"  sing N N 137 
U   "C2'" "H2'"  sing N N 138 
U   "O2'" "HO2'" sing N N 139 
U   "C1'" N1     sing N N 140 
U   "C1'" "H1'"  sing N N 141 
U   N1    C2     sing N N 142 
U   N1    C6     sing N N 143 
U   C2    O2     doub N N 144 
U   C2    N3     sing N N 145 
U   N3    C4     sing N N 146 
U   N3    H3     sing N N 147 
U   C4    O4     doub N N 148 
U   C4    C5     sing N N 149 
U   C5    C6     doub N N 150 
U   C5    H5     sing N N 151 
U   C6    H6     sing N N 152 
# 
_ndb_struct_conf_na.entry_id   3GVN 
_ndb_struct_conf_na.feature    'a-form double helix' 
# 
loop_
_ndb_struct_na_base_pair.model_number 
_ndb_struct_na_base_pair.i_label_asym_id 
_ndb_struct_na_base_pair.i_label_comp_id 
_ndb_struct_na_base_pair.i_label_seq_id 
_ndb_struct_na_base_pair.i_symmetry 
_ndb_struct_na_base_pair.j_label_asym_id 
_ndb_struct_na_base_pair.j_label_comp_id 
_ndb_struct_na_base_pair.j_label_seq_id 
_ndb_struct_na_base_pair.j_symmetry 
_ndb_struct_na_base_pair.shear 
_ndb_struct_na_base_pair.stretch 
_ndb_struct_na_base_pair.stagger 
_ndb_struct_na_base_pair.buckle 
_ndb_struct_na_base_pair.propeller 
_ndb_struct_na_base_pair.opening 
_ndb_struct_na_base_pair.pair_number 
_ndb_struct_na_base_pair.pair_name 
_ndb_struct_na_base_pair.i_auth_asym_id 
_ndb_struct_na_base_pair.i_auth_seq_id 
_ndb_struct_na_base_pair.i_PDB_ins_code 
_ndb_struct_na_base_pair.j_auth_asym_id 
_ndb_struct_na_base_pair.j_auth_seq_id 
_ndb_struct_na_base_pair.j_PDB_ins_code 
_ndb_struct_na_base_pair.hbond_type_28 
_ndb_struct_na_base_pair.hbond_type_12 
1 A G 1 1_555 B C 7 1_555 -0.308 -0.138 -0.114 -5.780 -6.759  -1.294 1 A_G1:C72_B A 1 ? B 72 ? 19 1 
1 A G 2 1_555 B C 6 1_555 -0.378 -0.151 -0.106 -8.684 -14.431 1.189  2 A_G2:C71_B A 2 ? B 71 ? 19 1 
1 A U 3 1_555 B A 5 1_555 -0.101 -0.073 -0.004 -1.905 -2.938  -0.101 3 A_U3:A70_B A 3 ? B 70 ? 20 1 
1 A G 4 1_555 B C 4 1_555 -0.277 -0.114 -0.011 -0.227 -8.074  -0.851 4 A_G4:C69_B A 4 ? B 69 ? 19 1 
1 A A 5 1_555 B U 3 1_555 -0.074 -0.170 -0.056 -0.416 -9.750  -1.077 5 A_A5:U68_B A 5 ? B 68 ? 20 1 
1 A G 6 1_555 B C 2 1_555 -0.329 -0.265 0.082  -6.167 -16.178 -1.482 6 A_G6:C67_B A 6 ? B 67 ? 19 1 
1 A G 7 1_555 B C 1 1_555 -0.210 -0.111 0.009  -9.052 -15.119 -0.273 7 A_G7:C66_B A 7 ? B 66 ? 19 1 
# 
loop_
_ndb_struct_na_base_pair_step.model_number 
_ndb_struct_na_base_pair_step.i_label_asym_id_1 
_ndb_struct_na_base_pair_step.i_label_comp_id_1 
_ndb_struct_na_base_pair_step.i_label_seq_id_1 
_ndb_struct_na_base_pair_step.i_symmetry_1 
_ndb_struct_na_base_pair_step.j_label_asym_id_1 
_ndb_struct_na_base_pair_step.j_label_comp_id_1 
_ndb_struct_na_base_pair_step.j_label_seq_id_1 
_ndb_struct_na_base_pair_step.j_symmetry_1 
_ndb_struct_na_base_pair_step.i_label_asym_id_2 
_ndb_struct_na_base_pair_step.i_label_comp_id_2 
_ndb_struct_na_base_pair_step.i_label_seq_id_2 
_ndb_struct_na_base_pair_step.i_symmetry_2 
_ndb_struct_na_base_pair_step.j_label_asym_id_2 
_ndb_struct_na_base_pair_step.j_label_comp_id_2 
_ndb_struct_na_base_pair_step.j_label_seq_id_2 
_ndb_struct_na_base_pair_step.j_symmetry_2 
_ndb_struct_na_base_pair_step.shift 
_ndb_struct_na_base_pair_step.slide 
_ndb_struct_na_base_pair_step.rise 
_ndb_struct_na_base_pair_step.tilt 
_ndb_struct_na_base_pair_step.roll 
_ndb_struct_na_base_pair_step.twist 
_ndb_struct_na_base_pair_step.x_displacement 
_ndb_struct_na_base_pair_step.y_displacement 
_ndb_struct_na_base_pair_step.helical_rise 
_ndb_struct_na_base_pair_step.inclination 
_ndb_struct_na_base_pair_step.tip 
_ndb_struct_na_base_pair_step.helical_twist 
_ndb_struct_na_base_pair_step.step_number 
_ndb_struct_na_base_pair_step.step_name 
_ndb_struct_na_base_pair_step.i_auth_asym_id_1 
_ndb_struct_na_base_pair_step.i_auth_seq_id_1 
_ndb_struct_na_base_pair_step.i_PDB_ins_code_1 
_ndb_struct_na_base_pair_step.j_auth_asym_id_1 
_ndb_struct_na_base_pair_step.j_auth_seq_id_1 
_ndb_struct_na_base_pair_step.j_PDB_ins_code_1 
_ndb_struct_na_base_pair_step.i_auth_asym_id_2 
_ndb_struct_na_base_pair_step.i_auth_seq_id_2 
_ndb_struct_na_base_pair_step.i_PDB_ins_code_2 
_ndb_struct_na_base_pair_step.j_auth_asym_id_2 
_ndb_struct_na_base_pair_step.j_auth_seq_id_2 
_ndb_struct_na_base_pair_step.j_PDB_ins_code_2 
1 A G 1 1_555 B C 7 1_555 A G 2 1_555 B C 6 1_555 -0.300 -2.040 3.380 -0.706 4.673 30.820 -4.677 0.425  3.051 8.729  1.318  31.172 
1 AA_G1G2:C71C72_BB A 1 ? B 72 ? A 2 ? B 71 ? 
1 A G 2 1_555 B C 6 1_555 A U 3 1_555 B A 5 1_555 -0.485 -1.272 3.100 -2.976 8.942 31.779 -3.593 0.398  2.686 15.897 5.291  33.112 
2 AA_G2U3:A70C71_BB A 2 ? B 71 ? A 3 ? B 70 ? 
1 A U 3 1_555 B A 5 1_555 A G 4 1_555 B C 4 1_555 1.271  -2.036 3.253 0.836  7.900 24.397 -6.611 -2.650 2.520 18.090 -1.915 25.639 
3 AA_U3G4:C69A70_BB A 3 ? B 70 ? A 4 ? B 69 ? 
1 A G 4 1_555 B C 4 1_555 A A 5 1_555 B U 3 1_555 -0.976 -1.844 3.192 -1.761 6.139 34.864 -3.875 1.361  2.880 10.141 2.908  35.426 
4 AA_G4A5:U68C69_BB A 4 ? B 69 ? A 5 ? B 68 ? 
1 A A 5 1_555 B U 3 1_555 A G 6 1_555 B C 2 1_555 -0.101 -1.322 3.411 -0.922 4.536 30.592 -3.369 0.008  3.188 8.535  1.735  30.932 
5 AA_A5G6:C67U68_BB A 5 ? B 68 ? A 6 ? B 67 ? 
1 A G 6 1_555 B C 2 1_555 A G 7 1_555 B C 1 1_555 0.823  -1.583 3.233 4.561  7.477 36.517 -3.398 -0.708 2.941 11.725 -7.153 37.517 
6 AA_G6G7:C66C67_BB A 6 ? B 67 ? A 7 ? B 66 ? 
# 
loop_
_pdbx_entity_nonpoly.entity_id 
_pdbx_entity_nonpoly.name 
_pdbx_entity_nonpoly.comp_id 
3 'MAGNESIUM ION' MG  
4 water           HOH 
# 
_pdbx_initial_refinement_model.id               1 
_pdbx_initial_refinement_model.entity_id_list   ? 
_pdbx_initial_refinement_model.type             'experimental model' 
_pdbx_initial_refinement_model.source_name      PDB 
_pdbx_initial_refinement_model.accession_code   2V6W 
_pdbx_initial_refinement_model.details          ? 
# 
